data_6E9N
#
_entry.id   6E9N
#
_cell.length_a   76.700
_cell.length_b   107.630
_cell.length_c   103.210
_cell.angle_alpha   90.00
_cell.angle_beta   108.32
_cell.angle_gamma   90.00
#
_symmetry.space_group_name_H-M   'P 1 21 1'
#
loop_
_entity.id
_entity.type
_entity.pdbx_description
1 polymer 'D-galactonate transport'
2 non-polymer 'D-gluconic acid'
3 non-polymer 'nonyl beta-D-glucopyranoside'
#
_entity_poly.entity_id   1
_entity_poly.type   'polypeptide(L)'
_entity_poly.pdbx_seq_one_letter_code
;MVSGFAMPKIWRKLAMDIPVNAAKPGRRRYLTLVMIFITVVICYVDRANLAVASAHIQEEFGITKAEMGYVFSAFAWLYT
LCQIPGGWFLDRVGSRVTYFIAIFGWSVATLFQGFATGLMSLIGLRAITGIFEAPAFPTNNRMVTSWFPEHERASAVGFY
TSGQFVGLAFLTPLLIWIQEMLSWHWVFIVTGGIGIIWSLIWFKVYQPPRLTKGISKAELDYIRDGGGLVDGDAPVKKEA
RQPLTAKDWKLVFHRKLIGVYLGQFAVASTLWFFLTWFPNYLTQEKGITALKAGFMTTVPFLAAFVGVLLSGWVADLLVR
KGFSLGFARKTPIICGLLISTCIMGANYTNDPMMIMCLMALAFFGNGFASITWSLVSSLAPMRLIGLTGGVFNFAGGLGG
ITVPLVVGYLAQGYGFAPALVYISAVALIGALSYILLVGDVKRVGSLVPRGSGSHHHHHH
;
_entity_poly.pdbx_strand_id   A,B
#
# COMPACT_ATOMS: atom_id res chain seq x y z
N ARG A 27 -9.34 -17.95 27.98
CA ARG A 27 -9.80 -16.57 27.82
C ARG A 27 -8.95 -15.84 26.78
N ARG A 28 -8.79 -16.48 25.63
CA ARG A 28 -8.14 -15.89 24.46
C ARG A 28 -9.12 -15.65 23.32
N ARG A 29 -10.35 -16.17 23.42
CA ARG A 29 -11.34 -15.97 22.37
C ARG A 29 -11.77 -14.51 22.29
N TYR A 30 -11.92 -13.86 23.45
CA TYR A 30 -12.44 -12.50 23.47
C TYR A 30 -11.42 -11.50 22.95
N LEU A 31 -10.13 -11.70 23.29
CA LEU A 31 -9.10 -10.77 22.86
C LEU A 31 -9.21 -10.48 21.37
N THR A 32 -9.52 -11.50 20.58
CA THR A 32 -9.80 -11.29 19.16
C THR A 32 -10.94 -10.28 18.98
N LEU A 33 -12.08 -10.54 19.63
CA LEU A 33 -13.19 -9.60 19.57
C LEU A 33 -12.73 -8.20 19.94
N VAL A 34 -11.79 -8.08 20.87
CA VAL A 34 -11.28 -6.77 21.26
C VAL A 34 -10.53 -6.13 20.09
N MET A 35 -9.79 -6.94 19.33
CA MET A 35 -9.06 -6.40 18.20
C MET A 35 -9.99 -6.06 17.04
N ILE A 36 -11.09 -6.80 16.89
CA ILE A 36 -12.08 -6.44 15.89
C ILE A 36 -12.78 -5.14 16.28
N PHE A 37 -13.12 -5.00 17.56
CA PHE A 37 -13.75 -3.76 18.03
C PHE A 37 -12.87 -2.56 17.74
N ILE A 38 -11.57 -2.68 18.01
CA ILE A 38 -10.65 -1.57 17.74
C ILE A 38 -10.69 -1.20 16.26
N THR A 39 -10.74 -2.21 15.39
CA THR A 39 -10.73 -1.93 13.96
C THR A 39 -12.06 -1.32 13.50
N VAL A 40 -13.17 -1.69 14.14
CA VAL A 40 -14.45 -1.04 13.83
C VAL A 40 -14.39 0.43 14.22
N VAL A 41 -13.74 0.75 15.33
CA VAL A 41 -13.61 2.14 15.76
C VAL A 41 -12.72 2.91 14.78
N ILE A 42 -11.49 2.43 14.59
CA ILE A 42 -10.60 3.04 13.61
C ILE A 42 -11.32 3.22 12.28
N CYS A 43 -12.13 2.24 11.89
CA CYS A 43 -12.91 2.35 10.67
C CYS A 43 -13.82 3.57 10.72
N TYR A 44 -14.61 3.70 11.78
CA TYR A 44 -15.57 4.79 11.86
C TYR A 44 -14.93 6.13 12.17
N VAL A 45 -13.74 6.15 12.78
CA VAL A 45 -13.02 7.40 12.94
C VAL A 45 -12.60 7.93 11.58
N ASP A 46 -12.12 7.05 10.70
CA ASP A 46 -11.73 7.48 9.35
C ASP A 46 -12.93 7.87 8.51
N ARG A 47 -14.15 7.57 8.96
CA ARG A 47 -15.36 8.11 8.34
C ARG A 47 -15.71 9.48 8.89
N ALA A 48 -15.62 9.66 10.22
CA ALA A 48 -16.00 10.91 10.86
C ALA A 48 -14.85 11.90 10.96
N ASN A 49 -13.59 11.45 10.77
CA ASN A 49 -12.46 12.37 10.83
C ASN A 49 -12.65 13.56 9.90
N LEU A 50 -13.37 13.37 8.80
CA LEU A 50 -13.62 14.47 7.87
C LEU A 50 -14.61 15.48 8.45
N ALA A 51 -15.68 14.99 9.08
CA ALA A 51 -16.65 15.87 9.70
C ALA A 51 -15.98 16.86 10.64
N VAL A 52 -14.90 16.44 11.30
CA VAL A 52 -14.15 17.33 12.17
C VAL A 52 -13.61 18.51 11.38
N ALA A 53 -12.86 18.23 10.31
CA ALA A 53 -12.19 19.26 9.54
C ALA A 53 -13.03 19.82 8.41
N SER A 54 -14.33 19.53 8.38
CA SER A 54 -15.19 20.03 7.32
C SER A 54 -15.11 21.55 7.22
N ALA A 55 -15.24 22.24 8.36
CA ALA A 55 -15.24 23.70 8.36
C ALA A 55 -13.93 24.25 7.82
N HIS A 56 -12.80 23.72 8.32
CA HIS A 56 -11.50 24.27 7.94
C HIS A 56 -11.17 23.94 6.50
N ILE A 57 -11.32 22.67 6.10
CA ILE A 57 -11.14 22.29 4.70
C ILE A 57 -11.97 23.22 3.82
N GLN A 58 -13.25 23.36 4.14
CA GLN A 58 -14.10 24.28 3.40
C GLN A 58 -13.55 25.69 3.45
N GLU A 59 -13.09 26.12 4.63
CA GLU A 59 -12.57 27.48 4.77
C GLU A 59 -11.29 27.66 3.97
N GLU A 60 -10.31 26.76 4.14
CA GLU A 60 -9.03 26.91 3.47
C GLU A 60 -9.19 26.78 1.96
N PHE A 61 -9.61 25.60 1.49
CA PHE A 61 -9.81 25.39 0.06
C PHE A 61 -10.92 26.25 -0.52
N GLY A 62 -11.76 26.84 0.31
CA GLY A 62 -12.80 27.73 -0.18
C GLY A 62 -13.79 27.05 -1.10
N ILE A 63 -14.21 25.84 -0.77
CA ILE A 63 -15.22 25.13 -1.55
C ILE A 63 -16.60 25.51 -1.01
N THR A 64 -17.61 25.35 -1.85
CA THR A 64 -18.96 25.69 -1.46
C THR A 64 -19.59 24.55 -0.67
N LYS A 65 -20.65 24.89 0.09
CA LYS A 65 -21.38 23.88 0.84
C LYS A 65 -21.79 22.72 -0.05
N ALA A 66 -22.30 23.02 -1.25
CA ALA A 66 -22.74 21.96 -2.15
C ALA A 66 -21.57 21.12 -2.63
N GLU A 67 -20.44 21.74 -2.94
CA GLU A 67 -19.26 20.99 -3.35
C GLU A 67 -18.73 20.15 -2.19
N MET A 68 -18.83 20.66 -0.96
CA MET A 68 -18.44 19.87 0.19
C MET A 68 -19.34 18.64 0.33
N GLY A 69 -20.63 18.80 0.00
CA GLY A 69 -21.51 17.64 0.01
C GLY A 69 -20.97 16.50 -0.85
N TYR A 70 -20.34 16.84 -1.97
CA TYR A 70 -19.74 15.81 -2.81
C TYR A 70 -18.50 15.20 -2.16
N VAL A 71 -17.80 15.97 -1.33
CA VAL A 71 -16.64 15.43 -0.62
C VAL A 71 -17.10 14.39 0.39
N PHE A 72 -18.06 14.74 1.24
CA PHE A 72 -18.62 13.78 2.19
C PHE A 72 -19.08 12.52 1.46
N SER A 73 -19.74 12.69 0.31
CA SER A 73 -20.34 11.56 -0.38
C SER A 73 -19.30 10.66 -1.03
N ALA A 74 -18.14 11.22 -1.41
CA ALA A 74 -17.12 10.43 -2.11
C ALA A 74 -16.89 9.09 -1.44
N PHE A 75 -16.90 9.06 -0.10
CA PHE A 75 -16.67 7.82 0.61
C PHE A 75 -17.82 6.84 0.44
N ALA A 76 -19.06 7.36 0.39
CA ALA A 76 -20.22 6.49 0.39
C ALA A 76 -20.42 5.81 -0.97
N TRP A 77 -20.16 6.53 -2.06
CA TRP A 77 -20.35 5.97 -3.40
C TRP A 77 -19.62 4.63 -3.51
N LEU A 78 -18.29 4.66 -3.42
CA LEU A 78 -17.52 3.44 -3.64
C LEU A 78 -17.77 2.41 -2.55
N TYR A 79 -18.08 2.85 -1.34
CA TYR A 79 -18.33 1.92 -0.24
C TYR A 79 -19.43 0.93 -0.62
N THR A 80 -20.56 1.45 -1.13
CA THR A 80 -21.66 0.57 -1.52
C THR A 80 -21.31 -0.25 -2.75
N LEU A 81 -20.62 0.38 -3.71
CA LEU A 81 -20.28 -0.31 -4.95
C LEU A 81 -19.22 -1.39 -4.71
N CYS A 82 -18.20 -1.10 -3.90
CA CYS A 82 -17.09 -2.01 -3.70
C CYS A 82 -17.38 -3.03 -2.61
N GLN A 83 -18.64 -3.44 -2.49
CA GLN A 83 -19.04 -4.44 -1.51
C GLN A 83 -19.25 -5.83 -2.12
N ILE A 84 -19.78 -5.92 -3.33
CA ILE A 84 -19.94 -7.21 -3.99
C ILE A 84 -18.60 -7.59 -4.63
N PRO A 85 -17.74 -6.65 -5.02
CA PRO A 85 -16.34 -7.03 -5.30
C PRO A 85 -15.57 -7.34 -4.02
N GLY A 86 -15.89 -6.67 -2.92
CA GLY A 86 -15.25 -6.98 -1.66
C GLY A 86 -15.47 -8.42 -1.24
N GLY A 87 -16.67 -8.94 -1.50
CA GLY A 87 -16.94 -10.34 -1.22
C GLY A 87 -16.06 -11.27 -2.04
N TRP A 88 -15.79 -10.91 -3.28
CA TRP A 88 -14.93 -11.72 -4.13
C TRP A 88 -13.50 -11.73 -3.59
N PHE A 89 -12.87 -10.55 -3.53
CA PHE A 89 -11.52 -10.44 -2.99
C PHE A 89 -11.41 -11.20 -1.68
N LEU A 90 -12.34 -10.96 -0.76
CA LEU A 90 -12.35 -11.67 0.52
C LEU A 90 -12.33 -13.18 0.32
N ASP A 91 -13.25 -13.69 -0.51
CA ASP A 91 -13.39 -15.13 -0.67
C ASP A 91 -12.10 -15.78 -1.15
N ARG A 92 -11.43 -15.16 -2.12
CA ARG A 92 -10.25 -15.75 -2.74
C ARG A 92 -8.94 -15.31 -2.10
N VAL A 93 -8.98 -14.39 -1.14
CA VAL A 93 -7.76 -13.92 -0.49
C VAL A 93 -7.70 -14.32 0.99
N GLY A 94 -8.84 -14.45 1.66
CA GLY A 94 -8.88 -14.82 3.06
C GLY A 94 -9.40 -13.68 3.92
N SER A 95 -9.46 -13.96 5.22
CA SER A 95 -9.95 -13.01 6.21
C SER A 95 -8.82 -12.22 6.87
N ARG A 96 -7.77 -12.90 7.30
CA ARG A 96 -6.61 -12.25 7.90
C ARG A 96 -5.97 -11.26 6.93
N VAL A 97 -5.31 -11.80 5.91
CA VAL A 97 -4.59 -10.98 4.94
C VAL A 97 -5.49 -9.87 4.40
N THR A 98 -6.72 -10.22 4.02
CA THR A 98 -7.64 -9.22 3.48
C THR A 98 -7.84 -8.07 4.44
N TYR A 99 -7.82 -8.35 5.75
CA TYR A 99 -8.00 -7.28 6.73
C TYR A 99 -6.78 -6.36 6.74
N PHE A 100 -5.57 -6.91 6.65
CA PHE A 100 -4.37 -6.08 6.68
C PHE A 100 -4.31 -5.14 5.49
N ILE A 101 -4.59 -5.67 4.29
CA ILE A 101 -4.61 -4.83 3.10
C ILE A 101 -5.61 -3.69 3.27
N ALA A 102 -6.78 -4.01 3.83
CA ALA A 102 -7.81 -3.00 4.03
C ALA A 102 -7.34 -1.92 4.98
N ILE A 103 -6.98 -2.30 6.21
CA ILE A 103 -6.56 -1.33 7.22
C ILE A 103 -5.42 -0.47 6.67
N PHE A 104 -4.38 -1.12 6.15
CA PHE A 104 -3.26 -0.37 5.59
C PHE A 104 -3.71 0.47 4.39
N GLY A 105 -4.50 -0.13 3.50
CA GLY A 105 -4.98 0.57 2.32
C GLY A 105 -5.64 1.90 2.65
N TRP A 106 -6.64 1.89 3.52
CA TRP A 106 -7.36 3.12 3.83
C TRP A 106 -6.59 3.99 4.82
N SER A 107 -5.73 3.38 5.65
CA SER A 107 -4.91 4.17 6.57
C SER A 107 -3.94 5.06 5.82
N VAL A 108 -3.25 4.51 4.83
CA VAL A 108 -2.41 5.33 3.97
C VAL A 108 -3.25 6.37 3.25
N ALA A 109 -4.39 5.94 2.71
CA ALA A 109 -5.29 6.88 2.04
C ALA A 109 -5.80 7.94 2.99
N THR A 110 -5.93 7.61 4.28
CA THR A 110 -6.37 8.59 5.26
C THR A 110 -5.21 9.47 5.73
N LEU A 111 -4.03 8.87 5.89
CA LEU A 111 -2.86 9.65 6.27
C LEU A 111 -2.62 10.79 5.29
N PHE A 112 -2.86 10.55 4.00
CA PHE A 112 -2.59 11.56 2.98
C PHE A 112 -3.76 12.51 2.75
N GLN A 113 -4.90 12.29 3.41
CA GLN A 113 -5.94 13.30 3.42
C GLN A 113 -5.47 14.58 4.11
N GLY A 114 -4.41 14.49 4.92
CA GLY A 114 -3.86 15.68 5.55
C GLY A 114 -3.01 16.53 4.63
N PHE A 115 -2.40 15.92 3.61
CA PHE A 115 -1.56 16.65 2.66
C PHE A 115 -2.31 16.98 1.38
N ALA A 116 -3.61 16.71 1.32
CA ALA A 116 -4.38 16.99 0.11
C ALA A 116 -4.39 18.49 -0.19
N THR A 117 -4.46 18.81 -1.48
CA THR A 117 -4.55 20.18 -1.95
C THR A 117 -5.63 20.27 -3.03
N GLY A 118 -6.45 21.31 -2.96
CA GLY A 118 -7.56 21.45 -3.87
C GLY A 118 -8.72 20.55 -3.47
N LEU A 119 -9.62 20.34 -4.43
CA LEU A 119 -10.81 19.52 -4.21
C LEU A 119 -10.64 18.11 -4.75
N MET A 120 -10.23 17.97 -6.01
CA MET A 120 -10.13 16.65 -6.61
C MET A 120 -9.26 15.72 -5.77
N SER A 121 -8.21 16.26 -5.17
CA SER A 121 -7.32 15.45 -4.34
C SER A 121 -8.10 14.77 -3.22
N LEU A 122 -9.04 15.49 -2.61
CA LEU A 122 -9.78 14.94 -1.48
C LEU A 122 -10.75 13.86 -1.94
N ILE A 123 -11.46 14.10 -3.05
CA ILE A 123 -12.43 13.12 -3.54
C ILE A 123 -11.75 11.76 -3.73
N GLY A 124 -10.58 11.77 -4.39
CA GLY A 124 -9.89 10.52 -4.65
C GLY A 124 -9.50 9.79 -3.37
N LEU A 125 -8.97 10.52 -2.40
CA LEU A 125 -8.58 9.91 -1.14
C LEU A 125 -9.80 9.39 -0.39
N ARG A 126 -10.86 10.19 -0.31
CA ARG A 126 -12.11 9.72 0.30
C ARG A 126 -12.65 8.52 -0.44
N ALA A 127 -12.64 8.55 -1.78
CA ALA A 127 -13.07 7.40 -2.56
C ALA A 127 -12.20 6.19 -2.26
N ILE A 128 -10.88 6.33 -2.39
CA ILE A 128 -9.97 5.22 -2.11
C ILE A 128 -10.22 4.68 -0.70
N THR A 129 -10.38 5.59 0.27
CA THR A 129 -10.75 5.15 1.61
C THR A 129 -11.99 4.28 1.58
N GLY A 130 -12.98 4.67 0.77
CA GLY A 130 -14.18 3.86 0.64
C GLY A 130 -13.93 2.51 0.01
N ILE A 131 -12.93 2.42 -0.86
CA ILE A 131 -12.60 1.14 -1.50
C ILE A 131 -12.16 0.14 -0.43
N PHE A 132 -11.07 0.46 0.26
CA PHE A 132 -10.47 -0.49 1.19
C PHE A 132 -11.28 -0.64 2.47
N GLU A 133 -12.19 0.28 2.76
CA GLU A 133 -13.04 0.19 3.93
C GLU A 133 -14.39 -0.47 3.63
N ALA A 134 -14.66 -0.80 2.37
CA ALA A 134 -15.96 -1.38 2.04
C ALA A 134 -16.09 -2.82 2.52
N PRO A 135 -15.10 -3.70 2.34
CA PRO A 135 -15.26 -5.08 2.81
C PRO A 135 -15.00 -5.24 4.30
N ALA A 136 -15.16 -4.15 5.07
CA ALA A 136 -14.90 -4.20 6.51
C ALA A 136 -15.78 -5.24 7.20
N PHE A 137 -17.09 -5.03 7.17
CA PHE A 137 -18.00 -5.93 7.90
C PHE A 137 -17.91 -7.37 7.39
N PRO A 138 -18.08 -7.65 6.09
CA PRO A 138 -18.09 -9.06 5.66
C PRO A 138 -16.95 -9.87 6.23
N THR A 139 -15.77 -9.27 6.36
CA THR A 139 -14.64 -9.96 6.99
C THR A 139 -14.88 -10.16 8.47
N ASN A 140 -15.57 -9.23 9.14
CA ASN A 140 -15.93 -9.41 10.53
C ASN A 140 -16.85 -10.61 10.70
N ASN A 141 -17.97 -10.62 9.97
CA ASN A 141 -18.92 -11.72 10.06
C ASN A 141 -18.23 -13.06 9.78
N ARG A 142 -17.29 -13.08 8.84
CA ARG A 142 -16.55 -14.29 8.54
C ARG A 142 -15.54 -14.64 9.62
N MET A 143 -15.17 -13.68 10.47
CA MET A 143 -14.21 -13.93 11.54
C MET A 143 -14.89 -14.27 12.86
N VAL A 144 -15.94 -13.55 13.23
CA VAL A 144 -16.66 -13.89 14.46
C VAL A 144 -17.31 -15.26 14.32
N THR A 145 -17.64 -15.66 13.10
CA THR A 145 -18.18 -16.99 12.87
C THR A 145 -17.21 -18.06 13.37
N SER A 146 -15.94 -17.95 12.99
CA SER A 146 -14.94 -18.95 13.34
C SER A 146 -14.29 -18.71 14.69
N TRP A 147 -14.52 -17.57 15.33
CA TRP A 147 -13.90 -17.24 16.59
C TRP A 147 -14.83 -17.35 17.79
N PHE A 148 -16.12 -17.59 17.57
CA PHE A 148 -17.07 -17.67 18.67
C PHE A 148 -18.17 -18.65 18.32
N PRO A 149 -18.73 -19.37 19.32
CA PRO A 149 -19.88 -20.24 19.04
C PRO A 149 -21.09 -19.47 18.54
N GLU A 150 -22.24 -20.14 18.45
CA GLU A 150 -23.44 -19.52 17.90
C GLU A 150 -24.12 -18.62 18.93
N HIS A 151 -24.31 -19.12 20.15
CA HIS A 151 -25.01 -18.33 21.17
C HIS A 151 -24.22 -17.10 21.59
N GLU A 152 -22.89 -17.13 21.45
CA GLU A 152 -22.06 -15.98 21.76
C GLU A 152 -21.89 -15.03 20.58
N ARG A 153 -22.54 -15.32 19.44
CA ARG A 153 -22.32 -14.53 18.24
C ARG A 153 -23.11 -13.23 18.26
N ALA A 154 -24.42 -13.31 18.58
CA ALA A 154 -25.23 -12.11 18.67
C ALA A 154 -24.62 -11.11 19.65
N SER A 155 -24.18 -11.60 20.82
CA SER A 155 -23.51 -10.72 21.78
C SER A 155 -22.16 -10.25 21.28
N ALA A 156 -21.53 -11.00 20.37
CA ALA A 156 -20.22 -10.60 19.86
C ALA A 156 -20.33 -9.44 18.88
N VAL A 157 -21.26 -9.53 17.93
CA VAL A 157 -21.44 -8.45 16.97
C VAL A 157 -21.98 -7.21 17.68
N GLY A 158 -22.97 -7.39 18.56
CA GLY A 158 -23.48 -6.26 19.32
C GLY A 158 -22.42 -5.56 20.15
N PHE A 159 -21.32 -6.25 20.45
CA PHE A 159 -20.24 -5.64 21.22
C PHE A 159 -19.54 -4.55 20.40
N TYR A 160 -19.09 -4.89 19.19
CA TYR A 160 -18.28 -3.94 18.42
C TYR A 160 -19.11 -2.97 17.59
N THR A 161 -20.36 -3.32 17.27
CA THR A 161 -21.23 -2.35 16.59
C THR A 161 -21.79 -1.34 17.58
N SER A 162 -22.19 -1.80 18.77
CA SER A 162 -22.63 -0.87 19.81
C SER A 162 -21.46 -0.02 20.29
N GLY A 163 -20.27 -0.62 20.40
CA GLY A 163 -19.13 0.10 20.94
C GLY A 163 -18.57 1.14 19.98
N GLN A 164 -18.77 0.95 18.68
CA GLN A 164 -18.24 1.89 17.70
C GLN A 164 -18.60 3.33 18.06
N PHE A 165 -19.83 3.55 18.54
CA PHE A 165 -20.27 4.89 18.86
C PHE A 165 -19.61 5.42 20.13
N VAL A 166 -19.20 4.52 21.03
CA VAL A 166 -18.38 4.95 22.17
C VAL A 166 -17.03 5.47 21.68
N GLY A 167 -16.43 4.78 20.71
CA GLY A 167 -15.17 5.24 20.16
C GLY A 167 -15.29 6.61 19.51
N LEU A 168 -16.36 6.82 18.73
CA LEU A 168 -16.57 8.12 18.11
C LEU A 168 -16.90 9.19 19.14
N ALA A 169 -17.47 8.81 20.28
CA ALA A 169 -17.87 9.78 21.29
C ALA A 169 -16.65 10.38 22.00
N PHE A 170 -15.65 9.56 22.31
CA PHE A 170 -14.48 10.04 23.00
C PHE A 170 -13.40 10.57 22.06
N LEU A 171 -13.31 10.04 20.84
CA LEU A 171 -12.28 10.47 19.90
C LEU A 171 -12.67 11.70 19.10
N THR A 172 -13.96 11.91 18.86
CA THR A 172 -14.39 13.08 18.09
C THR A 172 -14.04 14.39 18.80
N PRO A 173 -14.27 14.54 20.11
CA PRO A 173 -13.77 15.75 20.79
C PRO A 173 -12.26 15.85 20.77
N LEU A 174 -11.57 14.72 20.79
CA LEU A 174 -10.10 14.74 20.75
C LEU A 174 -9.60 15.35 19.44
N LEU A 175 -10.06 14.82 18.31
CA LEU A 175 -9.60 15.33 17.02
C LEU A 175 -9.94 16.80 16.87
N ILE A 176 -11.16 17.19 17.24
CA ILE A 176 -11.51 18.61 17.23
C ILE A 176 -10.54 19.40 18.07
N TRP A 177 -10.20 18.89 19.26
CA TRP A 177 -9.20 19.55 20.08
C TRP A 177 -7.84 19.56 19.39
N ILE A 178 -7.49 18.48 18.70
CA ILE A 178 -6.29 18.47 17.87
C ILE A 178 -6.46 19.46 16.72
N GLN A 179 -7.64 19.50 16.11
CA GLN A 179 -7.89 20.42 15.00
C GLN A 179 -7.81 21.86 15.47
N GLU A 180 -8.25 22.15 16.70
CA GLU A 180 -8.17 23.50 17.23
C GLU A 180 -6.79 23.82 17.77
N MET A 181 -6.00 22.80 18.15
CA MET A 181 -4.62 23.01 18.55
C MET A 181 -3.69 22.95 17.35
N LEU A 182 -3.70 21.83 16.63
CA LEU A 182 -2.94 21.68 15.40
C LEU A 182 -3.86 21.86 14.19
N SER A 183 -3.26 22.17 13.05
CA SER A 183 -4.02 22.31 11.82
C SER A 183 -4.85 21.06 11.55
N TRP A 184 -5.92 21.23 10.78
CA TRP A 184 -6.81 20.12 10.46
C TRP A 184 -6.07 18.97 9.80
N HIS A 185 -4.91 19.23 9.19
CA HIS A 185 -4.16 18.14 8.55
C HIS A 185 -3.83 17.05 9.55
N TRP A 186 -3.40 17.44 10.76
CA TRP A 186 -2.98 16.47 11.76
C TRP A 186 -4.12 15.56 12.20
N VAL A 187 -5.38 16.00 12.06
CA VAL A 187 -6.50 15.09 12.26
C VAL A 187 -6.36 13.88 11.35
N PHE A 188 -5.93 14.10 10.11
CA PHE A 188 -5.76 13.02 9.15
C PHE A 188 -4.41 12.34 9.26
N ILE A 189 -3.36 13.07 9.67
CA ILE A 189 -2.06 12.43 9.88
C ILE A 189 -2.15 11.45 11.05
N VAL A 190 -2.73 11.89 12.16
CA VAL A 190 -2.89 11.02 13.33
C VAL A 190 -3.75 9.81 12.96
N THR A 191 -5.00 10.05 12.60
CA THR A 191 -5.90 8.95 12.23
C THR A 191 -5.25 8.01 11.23
N GLY A 192 -4.60 8.57 10.21
CA GLY A 192 -3.97 7.72 9.21
C GLY A 192 -2.75 7.00 9.75
N GLY A 193 -1.87 7.71 10.45
CA GLY A 193 -0.70 7.08 11.02
C GLY A 193 -1.03 5.94 11.95
N ILE A 194 -2.01 6.16 12.84
CA ILE A 194 -2.44 5.11 13.75
C ILE A 194 -2.84 3.87 12.97
N GLY A 195 -3.70 4.03 11.96
CA GLY A 195 -4.13 2.90 11.16
C GLY A 195 -2.96 2.14 10.57
N ILE A 196 -1.96 2.86 10.04
CA ILE A 196 -0.78 2.20 9.48
C ILE A 196 -0.10 1.34 10.53
N ILE A 197 -0.15 1.77 11.79
CA ILE A 197 0.47 0.99 12.86
C ILE A 197 -0.42 -0.20 13.23
N TRP A 198 -1.73 0.02 13.38
CA TRP A 198 -2.61 -1.06 13.76
C TRP A 198 -2.63 -2.17 12.71
N SER A 199 -2.46 -1.81 11.43
CA SER A 199 -2.34 -2.84 10.40
C SER A 199 -1.20 -3.79 10.71
N LEU A 200 -0.03 -3.24 11.05
CA LEU A 200 1.12 -4.08 11.36
C LEU A 200 0.86 -4.95 12.58
N ILE A 201 0.22 -4.39 13.61
CA ILE A 201 -0.14 -5.18 14.78
C ILE A 201 -1.03 -6.35 14.37
N TRP A 202 -2.12 -6.05 13.65
CA TRP A 202 -3.03 -7.10 13.22
C TRP A 202 -2.31 -8.21 12.48
N PHE A 203 -1.37 -7.87 11.61
CA PHE A 203 -0.69 -8.87 10.81
C PHE A 203 0.02 -9.89 11.69
N LYS A 204 0.58 -9.45 12.81
CA LYS A 204 1.30 -10.36 13.70
C LYS A 204 0.35 -11.10 14.62
N VAL A 205 -0.37 -10.37 15.47
CA VAL A 205 -1.12 -11.00 16.55
C VAL A 205 -2.19 -11.93 16.00
N TYR A 206 -2.90 -11.52 14.96
CA TYR A 206 -4.09 -12.24 14.54
C TYR A 206 -3.74 -13.46 13.70
N GLN A 207 -4.51 -14.52 13.90
CA GLN A 207 -4.43 -15.74 13.12
C GLN A 207 -5.61 -16.62 13.52
N PRO A 208 -6.10 -17.49 12.64
CA PRO A 208 -7.29 -18.29 12.97
C PRO A 208 -7.12 -18.99 14.31
N PRO A 209 -8.21 -19.32 15.00
CA PRO A 209 -8.08 -19.99 16.31
C PRO A 209 -7.16 -21.20 16.25
N ARG A 210 -7.25 -21.98 15.17
CA ARG A 210 -6.37 -23.15 15.02
C ARG A 210 -4.90 -22.73 15.00
N LEU A 211 -4.58 -21.65 14.28
CA LEU A 211 -3.20 -21.18 14.15
C LEU A 211 -2.86 -20.08 15.14
N THR A 212 -3.52 -20.05 16.30
CA THR A 212 -3.29 -19.01 17.30
C THR A 212 -2.56 -19.61 18.49
N LYS A 213 -1.28 -19.29 18.63
CA LYS A 213 -0.52 -19.72 19.79
C LYS A 213 -0.95 -18.95 21.03
N GLY A 214 -0.81 -19.59 22.18
CA GLY A 214 -1.31 -19.05 23.42
C GLY A 214 -2.75 -19.41 23.70
N ILE A 215 -3.50 -19.86 22.69
CA ILE A 215 -4.84 -20.34 22.96
C ILE A 215 -4.77 -21.56 23.89
N SER A 216 -5.92 -21.90 24.45
CA SER A 216 -6.03 -23.04 25.34
C SER A 216 -6.62 -24.23 24.59
N LYS A 217 -6.09 -25.42 24.89
CA LYS A 217 -6.55 -26.62 24.21
C LYS A 217 -8.04 -26.84 24.43
N ALA A 218 -8.51 -26.65 25.66
CA ALA A 218 -9.93 -26.79 25.95
C ALA A 218 -10.73 -25.62 25.38
N GLU A 219 -10.14 -24.42 25.37
CA GLU A 219 -10.83 -23.25 24.83
C GLU A 219 -11.18 -23.45 23.36
N LEU A 220 -10.21 -23.94 22.58
CA LEU A 220 -10.48 -24.20 21.17
C LEU A 220 -11.59 -25.23 20.98
N ASP A 221 -11.54 -26.32 21.77
CA ASP A 221 -12.58 -27.33 21.66
C ASP A 221 -13.96 -26.75 21.96
N TYR A 222 -14.05 -25.84 22.93
CA TYR A 222 -15.31 -25.17 23.19
C TYR A 222 -15.83 -24.50 21.93
N ILE A 223 -14.95 -23.79 21.21
CA ILE A 223 -15.38 -23.13 19.98
C ILE A 223 -15.75 -24.17 18.93
N ARG A 224 -14.85 -25.11 18.67
CA ARG A 224 -15.10 -26.12 17.63
C ARG A 224 -16.37 -26.89 17.91
N ASP A 225 -16.49 -27.45 19.12
CA ASP A 225 -17.72 -28.16 19.48
C ASP A 225 -18.91 -27.20 19.54
N GLY A 226 -18.68 -25.97 20.00
CA GLY A 226 -19.76 -25.00 20.06
C GLY A 226 -20.19 -24.49 18.70
N GLY A 227 -19.25 -24.39 17.77
CA GLY A 227 -19.55 -23.90 16.43
C GLY A 227 -18.47 -23.00 15.88
N GLY A 228 -18.54 -22.71 14.59
CA GLY A 228 -17.52 -21.92 13.94
C GLY A 228 -16.44 -22.78 13.31
N LEU A 229 -15.78 -22.20 12.30
CA LEU A 229 -14.79 -22.91 11.50
C LEU A 229 -13.41 -22.46 11.96
N VAL A 230 -12.96 -23.02 13.10
CA VAL A 230 -11.68 -22.65 13.68
C VAL A 230 -10.56 -22.79 12.67
N ASP A 231 -10.69 -23.73 11.73
CA ASP A 231 -9.69 -23.87 10.68
C ASP A 231 -9.78 -22.71 9.70
N GLY A 232 -10.99 -22.23 9.43
CA GLY A 232 -11.22 -21.18 8.44
C GLY A 232 -12.43 -21.47 7.60
N ASP A 233 -12.87 -20.49 6.81
CA ASP A 233 -14.05 -20.65 5.97
C ASP A 233 -13.66 -21.22 4.62
N ALA A 234 -14.44 -22.20 4.16
CA ALA A 234 -14.19 -22.83 2.86
C ALA A 234 -15.47 -22.85 2.03
N PRO A 243 -30.16 -20.16 -13.15
CA PRO A 243 -29.21 -19.11 -12.79
C PRO A 243 -29.89 -17.96 -12.06
N LEU A 244 -29.37 -16.75 -12.19
CA LEU A 244 -30.09 -15.56 -11.70
C LEU A 244 -31.28 -15.32 -12.62
N THR A 245 -32.47 -15.66 -12.14
CA THR A 245 -33.69 -15.38 -12.87
C THR A 245 -34.30 -14.07 -12.38
N ALA A 246 -34.97 -13.37 -13.29
CA ALA A 246 -35.66 -12.14 -12.90
C ALA A 246 -36.89 -12.41 -12.05
N LYS A 247 -37.24 -13.68 -11.82
CA LYS A 247 -38.34 -14.00 -10.91
C LYS A 247 -38.04 -13.52 -9.50
N ASP A 248 -36.81 -13.69 -9.04
CA ASP A 248 -36.44 -13.23 -7.70
C ASP A 248 -36.67 -11.73 -7.56
N TRP A 249 -36.25 -10.96 -8.57
CA TRP A 249 -36.45 -9.50 -8.53
C TRP A 249 -37.88 -9.16 -8.13
N LYS A 250 -38.86 -9.86 -8.70
CA LYS A 250 -40.25 -9.61 -8.34
C LYS A 250 -40.50 -9.98 -6.88
N LEU A 251 -39.86 -11.04 -6.39
CA LEU A 251 -40.01 -11.43 -4.99
C LEU A 251 -39.20 -10.54 -4.06
N VAL A 252 -37.95 -10.25 -4.43
CA VAL A 252 -37.10 -9.40 -3.60
C VAL A 252 -37.76 -8.05 -3.38
N PHE A 253 -38.41 -7.51 -4.40
CA PHE A 253 -39.15 -6.26 -4.28
C PHE A 253 -40.59 -6.60 -3.90
N HIS A 254 -40.85 -6.60 -2.59
CA HIS A 254 -42.13 -6.99 -2.04
C HIS A 254 -42.67 -5.85 -1.18
N ARG A 255 -44.00 -5.73 -1.13
CA ARG A 255 -44.61 -4.70 -0.28
C ARG A 255 -44.01 -4.71 1.12
N LYS A 256 -43.64 -5.88 1.62
CA LYS A 256 -43.00 -5.97 2.92
C LYS A 256 -41.52 -5.57 2.84
N LEU A 257 -40.85 -5.93 1.74
CA LEU A 257 -39.42 -5.68 1.65
C LEU A 257 -39.09 -4.25 1.22
N ILE A 258 -39.96 -3.62 0.42
CA ILE A 258 -39.74 -2.21 0.09
C ILE A 258 -39.76 -1.38 1.36
N GLY A 259 -40.72 -1.65 2.25
CA GLY A 259 -40.73 -0.96 3.53
C GLY A 259 -39.44 -1.17 4.30
N VAL A 260 -38.86 -2.37 4.20
CA VAL A 260 -37.58 -2.64 4.84
C VAL A 260 -36.48 -1.80 4.19
N TYR A 261 -36.50 -1.69 2.86
CA TYR A 261 -35.46 -0.93 2.17
C TYR A 261 -35.59 0.56 2.46
N LEU A 262 -36.78 1.12 2.26
CA LEU A 262 -37.00 2.52 2.56
C LEU A 262 -36.76 2.82 4.03
N GLY A 263 -36.97 1.83 4.90
CA GLY A 263 -36.66 2.01 6.31
C GLY A 263 -35.17 2.12 6.55
N GLN A 264 -34.40 1.17 6.02
CA GLN A 264 -32.95 1.22 6.18
C GLN A 264 -32.37 2.46 5.51
N PHE A 265 -32.91 2.81 4.34
CA PHE A 265 -32.48 4.04 3.68
C PHE A 265 -32.62 5.24 4.62
N ALA A 266 -33.66 5.25 5.45
CA ALA A 266 -33.86 6.33 6.40
C ALA A 266 -32.92 6.21 7.58
N VAL A 267 -32.69 4.99 8.09
CA VAL A 267 -31.75 4.80 9.18
C VAL A 267 -30.37 5.28 8.78
N ALA A 268 -29.94 4.98 7.56
CA ALA A 268 -28.62 5.41 7.10
C ALA A 268 -28.58 6.91 6.85
N SER A 269 -29.70 7.51 6.45
CA SER A 269 -29.73 8.95 6.19
C SER A 269 -29.35 9.73 7.45
N THR A 270 -29.92 9.35 8.59
CA THR A 270 -29.64 10.07 9.83
C THR A 270 -28.22 9.79 10.32
N LEU A 271 -27.81 8.51 10.33
CA LEU A 271 -26.48 8.16 10.84
C LEU A 271 -25.40 8.95 10.10
N TRP A 272 -25.51 9.06 8.77
CA TRP A 272 -24.47 9.70 8.00
C TRP A 272 -24.49 11.22 8.13
N PHE A 273 -25.58 11.80 8.65
CA PHE A 273 -25.55 13.22 8.98
C PHE A 273 -24.64 13.49 10.16
N PHE A 274 -24.72 12.64 11.20
CA PHE A 274 -23.87 12.83 12.37
C PHE A 274 -22.41 12.51 12.07
N LEU A 275 -22.15 11.65 11.09
CA LEU A 275 -20.80 11.31 10.69
C LEU A 275 -20.22 12.29 9.68
N THR A 276 -20.94 13.37 9.35
CA THR A 276 -20.50 14.29 8.30
C THR A 276 -20.76 15.75 8.67
N TRP A 277 -22.03 16.16 8.60
CA TRP A 277 -22.38 17.58 8.71
C TRP A 277 -22.63 18.06 10.13
N PHE A 278 -22.73 17.15 11.10
CA PHE A 278 -23.11 17.56 12.45
C PHE A 278 -22.09 18.51 13.07
N PRO A 279 -20.78 18.24 13.02
CA PRO A 279 -19.82 19.25 13.55
C PRO A 279 -19.98 20.62 12.91
N ASN A 280 -19.95 20.69 11.58
CA ASN A 280 -20.06 21.99 10.91
C ASN A 280 -21.42 22.62 11.15
N TYR A 281 -22.46 21.81 11.38
CA TYR A 281 -23.78 22.37 11.68
C TYR A 281 -23.70 23.33 12.86
N LEU A 282 -23.25 22.82 14.01
CA LEU A 282 -23.09 23.68 15.18
C LEU A 282 -22.15 24.84 14.89
N THR A 283 -21.06 24.58 14.18
CA THR A 283 -20.06 25.62 13.93
C THR A 283 -20.66 26.79 13.18
N GLN A 284 -21.32 26.53 12.05
CA GLN A 284 -21.78 27.59 11.16
C GLN A 284 -23.22 28.01 11.48
N GLU A 285 -24.16 27.08 11.38
CA GLU A 285 -25.57 27.41 11.58
C GLU A 285 -25.81 28.02 12.96
N LYS A 286 -25.42 27.30 14.01
CA LYS A 286 -25.65 27.76 15.37
C LYS A 286 -24.49 28.60 15.92
N GLY A 287 -23.42 28.77 15.16
CA GLY A 287 -22.32 29.61 15.61
C GLY A 287 -21.69 29.17 16.91
N ILE A 288 -21.65 27.86 17.16
CA ILE A 288 -20.99 27.34 18.36
C ILE A 288 -19.49 27.26 18.10
N THR A 289 -18.69 27.62 19.09
CA THR A 289 -17.25 27.49 18.97
C THR A 289 -16.89 26.02 18.78
N ALA A 290 -16.01 25.75 17.82
CA ALA A 290 -15.62 24.37 17.54
C ALA A 290 -15.20 23.64 18.81
N LEU A 291 -14.58 24.36 19.75
CA LEU A 291 -14.14 23.72 20.99
C LEU A 291 -15.33 23.25 21.81
N LYS A 292 -16.36 24.10 21.96
CA LYS A 292 -17.56 23.68 22.67
C LYS A 292 -18.36 22.69 21.85
N ALA A 293 -18.50 22.95 20.54
CA ALA A 293 -19.13 21.98 19.66
C ALA A 293 -18.39 20.65 19.64
N GLY A 294 -17.10 20.66 20.00
CA GLY A 294 -16.35 19.43 20.05
C GLY A 294 -16.64 18.60 21.30
N PHE A 295 -17.03 19.25 22.39
CA PHE A 295 -17.47 18.53 23.58
C PHE A 295 -18.98 18.37 23.65
N MET A 296 -19.72 18.99 22.72
CA MET A 296 -21.16 18.76 22.63
C MET A 296 -21.49 17.50 21.82
N THR A 297 -20.54 16.99 21.04
CA THR A 297 -20.80 15.85 20.17
C THR A 297 -20.55 14.51 20.84
N THR A 298 -20.11 14.49 22.10
CA THR A 298 -19.87 13.23 22.80
C THR A 298 -21.09 12.71 23.53
N VAL A 299 -22.18 13.48 23.58
CA VAL A 299 -23.42 13.03 24.22
C VAL A 299 -24.30 12.33 23.19
N PRO A 300 -24.43 12.85 21.96
CA PRO A 300 -25.22 12.10 20.96
C PRO A 300 -24.62 10.76 20.60
N PHE A 301 -23.30 10.69 20.38
CA PHE A 301 -22.68 9.41 20.07
C PHE A 301 -22.82 8.42 21.22
N LEU A 302 -22.81 8.90 22.46
CA LEU A 302 -23.14 8.03 23.58
C LEU A 302 -24.62 7.67 23.58
N ALA A 303 -25.48 8.62 23.20
CA ALA A 303 -26.91 8.34 23.11
C ALA A 303 -27.20 7.25 22.08
N ALA A 304 -26.41 7.19 21.01
CA ALA A 304 -26.55 6.09 20.06
C ALA A 304 -26.16 4.76 20.68
N PHE A 305 -25.04 4.75 21.41
CA PHE A 305 -24.59 3.52 22.07
C PHE A 305 -25.68 2.95 22.96
N VAL A 306 -26.50 3.81 23.58
CA VAL A 306 -27.57 3.32 24.46
C VAL A 306 -28.76 2.83 23.63
N GLY A 307 -29.16 3.60 22.62
CA GLY A 307 -30.25 3.17 21.76
C GLY A 307 -30.04 1.77 21.21
N VAL A 308 -28.82 1.47 20.77
CA VAL A 308 -28.51 0.13 20.25
C VAL A 308 -28.76 -0.92 21.33
N LEU A 309 -28.12 -0.75 22.49
CA LEU A 309 -28.25 -1.74 23.55
C LEU A 309 -29.68 -1.81 24.07
N LEU A 310 -30.27 -0.64 24.36
CA LEU A 310 -31.64 -0.63 24.87
C LEU A 310 -32.61 -1.27 23.90
N SER A 311 -32.27 -1.28 22.60
CA SER A 311 -33.13 -1.96 21.63
C SER A 311 -32.96 -3.47 21.72
N GLY A 312 -31.71 -3.94 21.82
CA GLY A 312 -31.48 -5.37 22.00
C GLY A 312 -32.07 -5.91 23.28
N TRP A 313 -32.26 -5.06 24.29
CA TRP A 313 -32.89 -5.49 25.53
C TRP A 313 -34.40 -5.58 25.38
N VAL A 314 -35.01 -4.62 24.69
CA VAL A 314 -36.44 -4.68 24.40
C VAL A 314 -36.75 -5.83 23.45
N ALA A 315 -35.77 -6.30 22.68
CA ALA A 315 -35.97 -7.45 21.81
C ALA A 315 -36.33 -8.67 22.65
N ASP A 316 -35.38 -9.14 23.47
CA ASP A 316 -35.65 -10.27 24.34
C ASP A 316 -36.82 -9.99 25.26
N LEU A 317 -36.84 -8.81 25.88
CA LEU A 317 -37.84 -8.49 26.90
C LEU A 317 -39.26 -8.69 26.39
N LEU A 318 -39.61 -8.07 25.26
CA LEU A 318 -41.00 -8.11 24.79
C LEU A 318 -41.47 -9.54 24.59
N VAL A 319 -40.86 -10.26 23.65
CA VAL A 319 -41.28 -11.64 23.39
C VAL A 319 -41.32 -12.43 24.69
N ARG A 320 -40.35 -12.19 25.58
CA ARG A 320 -40.32 -12.88 26.86
C ARG A 320 -41.65 -12.75 27.60
N LYS A 321 -42.23 -11.55 27.59
CA LYS A 321 -43.53 -11.34 28.21
C LYS A 321 -44.70 -11.74 27.30
N GLY A 322 -44.52 -12.80 26.50
CA GLY A 322 -45.59 -13.37 25.72
C GLY A 322 -45.99 -12.54 24.52
N PHE A 323 -45.02 -12.16 23.69
CA PHE A 323 -45.27 -11.39 22.48
C PHE A 323 -44.75 -12.12 21.26
N SER A 324 -45.36 -11.84 20.11
CA SER A 324 -44.87 -12.38 18.85
C SER A 324 -43.55 -11.72 18.48
N LEU A 325 -42.80 -12.38 17.59
CA LEU A 325 -41.48 -11.89 17.24
C LEU A 325 -41.56 -10.69 16.30
N GLY A 326 -42.53 -10.69 15.38
CA GLY A 326 -42.67 -9.56 14.48
C GLY A 326 -42.93 -8.26 15.21
N PHE A 327 -43.94 -8.24 16.07
CA PHE A 327 -44.22 -7.05 16.88
C PHE A 327 -43.09 -6.75 17.85
N ALA A 328 -42.27 -7.76 18.20
CA ALA A 328 -41.19 -7.53 19.14
C ALA A 328 -40.07 -6.71 18.51
N ARG A 329 -39.74 -7.00 17.25
CA ARG A 329 -38.66 -6.30 16.56
C ARG A 329 -39.16 -5.08 15.78
N LYS A 330 -40.44 -5.03 15.43
CA LYS A 330 -40.97 -3.87 14.72
C LYS A 330 -41.05 -2.65 15.65
N THR A 331 -41.43 -2.86 16.90
CA THR A 331 -41.71 -1.72 17.78
C THR A 331 -40.46 -0.88 18.04
N PRO A 332 -39.30 -1.45 18.36
CA PRO A 332 -38.11 -0.60 18.51
C PRO A 332 -37.75 0.16 17.24
N ILE A 333 -37.98 -0.44 16.07
CA ILE A 333 -37.62 0.22 14.83
C ILE A 333 -38.56 1.38 14.54
N ILE A 334 -39.87 1.13 14.61
CA ILE A 334 -40.85 2.18 14.31
C ILE A 334 -40.72 3.33 15.30
N CYS A 335 -40.72 3.00 16.61
CA CYS A 335 -40.63 4.04 17.63
C CYS A 335 -39.36 4.88 17.43
N GLY A 336 -38.23 4.21 17.22
CA GLY A 336 -36.97 4.94 17.08
C GLY A 336 -36.98 5.91 15.92
N LEU A 337 -37.65 5.54 14.82
CA LEU A 337 -37.74 6.43 13.68
C LEU A 337 -38.74 7.55 13.90
N LEU A 338 -39.83 7.28 14.64
CA LEU A 338 -40.72 8.37 15.03
C LEU A 338 -40.01 9.33 15.97
N ILE A 339 -39.16 8.82 16.86
CA ILE A 339 -38.32 9.68 17.69
C ILE A 339 -37.50 10.61 16.80
N SER A 340 -36.71 10.02 15.89
CA SER A 340 -35.81 10.76 15.01
C SER A 340 -36.44 12.05 14.48
N THR A 341 -37.77 12.07 14.37
CA THR A 341 -38.47 13.29 13.98
C THR A 341 -38.12 14.47 14.87
N CYS A 342 -37.57 14.23 16.06
CA CYS A 342 -37.20 15.30 16.96
C CYS A 342 -35.99 16.10 16.48
N ILE A 343 -35.28 15.64 15.45
CA ILE A 343 -34.17 16.42 14.91
C ILE A 343 -34.68 17.74 14.37
N MET A 344 -35.91 17.75 13.86
CA MET A 344 -36.50 19.00 13.37
C MET A 344 -36.53 20.07 14.43
N GLY A 345 -36.73 19.69 15.69
CA GLY A 345 -36.88 20.66 16.76
C GLY A 345 -35.63 21.47 17.06
N ALA A 346 -34.47 21.00 16.60
CA ALA A 346 -33.22 21.69 16.92
C ALA A 346 -33.15 23.07 16.28
N ASN A 347 -33.77 23.26 15.11
CA ASN A 347 -33.74 24.54 14.43
C ASN A 347 -34.69 25.56 15.03
N TYR A 348 -35.47 25.18 16.04
CA TYR A 348 -36.37 26.09 16.73
C TYR A 348 -35.81 26.61 18.05
N THR A 349 -34.53 26.37 18.30
CA THR A 349 -33.88 26.89 19.50
C THR A 349 -32.40 27.12 19.21
N ASN A 350 -31.81 28.07 19.93
CA ASN A 350 -30.39 28.38 19.81
C ASN A 350 -29.64 28.12 21.11
N ASP A 351 -30.22 27.33 22.02
CA ASP A 351 -29.60 27.02 23.30
C ASP A 351 -28.78 25.73 23.18
N PRO A 352 -27.48 25.75 23.53
CA PRO A 352 -26.68 24.52 23.40
C PRO A 352 -27.31 23.29 24.06
N MET A 353 -27.65 23.38 25.34
CA MET A 353 -28.19 22.21 26.03
C MET A 353 -29.42 21.65 25.32
N MET A 354 -30.33 22.53 24.88
CA MET A 354 -31.53 22.06 24.20
C MET A 354 -31.20 21.49 22.83
N ILE A 355 -30.23 22.08 22.12
CA ILE A 355 -29.76 21.49 20.88
C ILE A 355 -29.06 20.16 21.16
N MET A 356 -28.23 20.11 22.20
CA MET A 356 -27.54 18.87 22.54
C MET A 356 -28.51 17.81 23.05
N CYS A 357 -29.58 18.22 23.72
CA CYS A 357 -30.57 17.26 24.19
C CYS A 357 -31.38 16.70 23.03
N LEU A 358 -31.85 17.57 22.12
CA LEU A 358 -32.63 17.10 20.98
C LEU A 358 -31.78 16.24 20.06
N MET A 359 -30.55 16.64 19.80
CA MET A 359 -29.66 15.84 18.95
C MET A 359 -29.42 14.47 19.58
N ALA A 360 -29.24 14.41 20.90
CA ALA A 360 -29.01 13.14 21.56
C ALA A 360 -30.24 12.24 21.51
N LEU A 361 -31.43 12.84 21.50
CA LEU A 361 -32.65 12.04 21.48
C LEU A 361 -32.90 11.45 20.09
N ALA A 362 -32.64 12.23 19.03
CA ALA A 362 -32.79 11.70 17.68
C ALA A 362 -31.80 10.58 17.41
N PHE A 363 -30.53 10.81 17.76
CA PHE A 363 -29.52 9.78 17.56
C PHE A 363 -29.84 8.54 18.38
N PHE A 364 -30.41 8.71 19.57
CA PHE A 364 -30.90 7.58 20.34
C PHE A 364 -31.95 6.80 19.55
N GLY A 365 -32.88 7.51 18.90
CA GLY A 365 -33.87 6.83 18.10
C GLY A 365 -33.27 6.07 16.94
N ASN A 366 -32.19 6.62 16.36
CA ASN A 366 -31.50 5.91 15.28
C ASN A 366 -30.88 4.61 15.78
N GLY A 367 -30.11 4.68 16.87
CA GLY A 367 -29.54 3.47 17.43
C GLY A 367 -30.58 2.50 17.95
N PHE A 368 -31.70 3.02 18.46
CA PHE A 368 -32.77 2.17 18.96
C PHE A 368 -33.54 1.50 17.82
N ALA A 369 -33.50 2.07 16.61
CA ALA A 369 -34.18 1.52 15.45
C ALA A 369 -33.21 0.94 14.43
N SER A 370 -31.94 0.79 14.79
CA SER A 370 -30.93 0.37 13.82
C SER A 370 -31.03 -1.10 13.48
N ILE A 371 -31.55 -1.92 14.40
CA ILE A 371 -31.50 -3.38 14.26
C ILE A 371 -32.53 -3.81 13.22
N THR A 372 -32.06 -4.19 12.04
CA THR A 372 -32.93 -4.62 10.95
C THR A 372 -32.50 -5.96 10.35
N TRP A 373 -31.27 -6.01 9.79
CA TRP A 373 -30.89 -7.12 8.93
C TRP A 373 -31.30 -8.48 9.49
N SER A 374 -31.05 -8.70 10.78
CA SER A 374 -31.46 -9.97 11.38
C SER A 374 -32.97 -10.19 11.23
N LEU A 375 -33.76 -9.12 11.27
CA LEU A 375 -35.18 -9.25 10.97
C LEU A 375 -35.41 -9.45 9.48
N VAL A 376 -34.70 -8.70 8.64
CA VAL A 376 -34.88 -8.82 7.20
C VAL A 376 -34.50 -10.21 6.73
N SER A 377 -33.56 -10.85 7.42
CA SER A 377 -33.17 -12.22 7.09
C SER A 377 -34.32 -13.20 7.22
N SER A 378 -35.34 -12.87 8.02
CA SER A 378 -36.47 -13.76 8.26
C SER A 378 -37.68 -13.39 7.41
N LEU A 379 -37.50 -12.57 6.38
CA LEU A 379 -38.58 -12.24 5.45
C LEU A 379 -38.29 -12.64 4.02
N ALA A 380 -37.02 -12.72 3.62
CA ALA A 380 -36.69 -13.18 2.28
C ALA A 380 -36.74 -14.70 2.22
N PRO A 381 -37.08 -15.27 1.04
CA PRO A 381 -37.11 -16.73 0.93
C PRO A 381 -35.79 -17.37 1.34
N MET A 382 -35.82 -18.67 1.67
CA MET A 382 -34.62 -19.36 2.12
C MET A 382 -33.49 -19.27 1.10
N ARG A 383 -33.81 -19.03 -0.17
CA ARG A 383 -32.79 -18.98 -1.21
C ARG A 383 -32.12 -17.62 -1.27
N LEU A 384 -32.88 -16.55 -1.08
CA LEU A 384 -32.42 -15.19 -1.33
C LEU A 384 -31.96 -14.48 -0.06
N ILE A 385 -31.57 -15.23 0.97
CA ILE A 385 -31.07 -14.59 2.19
C ILE A 385 -29.76 -13.86 1.91
N GLY A 386 -28.91 -14.44 1.05
CA GLY A 386 -27.65 -13.80 0.73
C GLY A 386 -27.81 -12.57 -0.13
N LEU A 387 -28.66 -12.64 -1.15
CA LEU A 387 -28.88 -11.50 -2.02
C LEU A 387 -29.49 -10.33 -1.26
N THR A 388 -30.54 -10.61 -0.47
CA THR A 388 -31.25 -9.54 0.23
C THR A 388 -30.28 -8.64 0.97
N GLY A 389 -29.25 -9.23 1.58
CA GLY A 389 -28.25 -8.41 2.26
C GLY A 389 -27.67 -7.34 1.36
N GLY A 390 -27.15 -7.73 0.20
CA GLY A 390 -26.54 -6.76 -0.70
C GLY A 390 -27.49 -5.63 -1.05
N VAL A 391 -28.71 -5.98 -1.47
CA VAL A 391 -29.70 -4.96 -1.82
C VAL A 391 -30.15 -4.20 -0.57
N PHE A 392 -30.32 -4.91 0.55
CA PHE A 392 -30.76 -4.26 1.79
C PHE A 392 -29.75 -3.23 2.25
N ASN A 393 -28.45 -3.58 2.22
CA ASN A 393 -27.43 -2.60 2.56
C ASN A 393 -27.37 -1.49 1.53
N PHE A 394 -27.40 -1.85 0.25
CA PHE A 394 -27.45 -0.85 -0.81
C PHE A 394 -28.48 0.22 -0.48
N ALA A 395 -29.68 -0.21 -0.06
CA ALA A 395 -30.69 0.74 0.39
C ALA A 395 -30.14 1.63 1.51
N GLY A 396 -29.49 1.02 2.49
CA GLY A 396 -28.85 1.77 3.55
C GLY A 396 -27.72 2.63 3.01
N GLY A 397 -26.76 2.00 2.34
CA GLY A 397 -25.70 2.76 1.70
C GLY A 397 -26.23 3.84 0.76
N LEU A 398 -27.44 3.64 0.24
CA LEU A 398 -28.06 4.67 -0.59
C LEU A 398 -28.48 5.87 0.25
N GLY A 399 -28.97 5.62 1.46
CA GLY A 399 -29.32 6.70 2.35
C GLY A 399 -28.12 7.54 2.75
N GLY A 400 -26.93 6.94 2.76
CA GLY A 400 -25.72 7.68 3.07
C GLY A 400 -25.17 8.46 1.90
N ILE A 401 -25.53 8.09 0.67
CA ILE A 401 -25.08 8.82 -0.50
C ILE A 401 -25.93 10.07 -0.71
N THR A 402 -27.23 9.98 -0.40
CA THR A 402 -28.14 11.09 -0.70
C THR A 402 -27.97 12.24 0.30
N VAL A 403 -28.16 11.96 1.58
CA VAL A 403 -28.31 13.01 2.59
C VAL A 403 -27.11 13.97 2.57
N PRO A 404 -25.87 13.54 2.31
CA PRO A 404 -24.79 14.53 2.27
C PRO A 404 -24.97 15.54 1.15
N LEU A 405 -25.33 15.08 -0.06
CA LEU A 405 -25.61 16.00 -1.14
C LEU A 405 -26.80 16.89 -0.81
N VAL A 406 -27.84 16.33 -0.20
CA VAL A 406 -29.04 17.11 0.10
C VAL A 406 -28.73 18.21 1.09
N VAL A 407 -28.02 17.86 2.17
CA VAL A 407 -27.66 18.86 3.18
C VAL A 407 -26.71 19.89 2.59
N GLY A 408 -25.71 19.44 1.83
CA GLY A 408 -24.79 20.37 1.20
C GLY A 408 -25.48 21.36 0.29
N TYR A 409 -26.43 20.86 -0.52
CA TYR A 409 -27.18 21.75 -1.41
C TYR A 409 -28.13 22.65 -0.62
N LEU A 410 -28.85 22.07 0.34
CA LEU A 410 -29.79 22.86 1.15
C LEU A 410 -29.05 23.92 1.95
N ALA A 411 -28.01 23.53 2.67
CA ALA A 411 -27.29 24.47 3.52
C ALA A 411 -26.63 25.58 2.70
N GLN A 412 -26.29 25.30 1.44
CA GLN A 412 -25.65 26.31 0.61
C GLN A 412 -26.58 27.48 0.33
N GLY A 413 -27.88 27.19 0.14
CA GLY A 413 -28.82 28.21 -0.31
C GLY A 413 -29.77 28.72 0.75
N TYR A 414 -30.21 27.84 1.65
CA TYR A 414 -31.23 28.20 2.62
C TYR A 414 -30.79 28.00 4.07
N GLY A 415 -29.50 27.83 4.32
CA GLY A 415 -29.03 27.51 5.65
C GLY A 415 -29.37 26.07 6.00
N PHE A 416 -29.02 25.70 7.24
CA PHE A 416 -29.18 24.32 7.69
C PHE A 416 -30.59 24.01 8.18
N ALA A 417 -31.51 24.99 8.20
CA ALA A 417 -32.84 24.72 8.74
C ALA A 417 -33.64 23.79 7.86
N PRO A 418 -33.69 23.96 6.53
CA PRO A 418 -34.50 23.05 5.69
C PRO A 418 -33.94 21.65 5.58
N ALA A 419 -32.74 21.38 6.10
CA ALA A 419 -32.20 20.03 6.05
C ALA A 419 -32.72 19.16 7.18
N LEU A 420 -32.88 19.75 8.37
CA LEU A 420 -33.35 18.98 9.51
C LEU A 420 -34.81 18.56 9.36
N VAL A 421 -35.60 19.31 8.60
CA VAL A 421 -36.97 18.90 8.33
C VAL A 421 -36.99 17.73 7.35
N TYR A 422 -36.04 17.72 6.41
CA TYR A 422 -35.94 16.59 5.48
C TYR A 422 -35.69 15.29 6.23
N ILE A 423 -34.74 15.30 7.17
CA ILE A 423 -34.42 14.09 7.92
C ILE A 423 -35.61 13.66 8.78
N SER A 424 -36.23 14.63 9.47
CA SER A 424 -37.45 14.31 10.22
C SER A 424 -38.52 13.75 9.28
N ALA A 425 -38.64 14.33 8.08
CA ALA A 425 -39.53 13.77 7.08
C ALA A 425 -39.12 12.35 6.73
N VAL A 426 -37.90 12.18 6.21
CA VAL A 426 -37.40 10.84 5.88
C VAL A 426 -37.68 9.88 7.02
N ALA A 427 -37.30 10.27 8.25
CA ALA A 427 -37.59 9.44 9.41
C ALA A 427 -39.08 9.14 9.51
N LEU A 428 -39.92 10.11 9.16
CA LEU A 428 -41.37 9.89 9.19
C LEU A 428 -41.81 8.99 8.05
N ILE A 429 -41.16 9.11 6.88
CA ILE A 429 -41.47 8.20 5.78
C ILE A 429 -40.99 6.79 6.13
N GLY A 430 -39.76 6.68 6.64
CA GLY A 430 -39.27 5.38 7.06
C GLY A 430 -40.10 4.76 8.17
N ALA A 431 -40.66 5.58 9.05
CA ALA A 431 -41.55 5.06 10.08
C ALA A 431 -42.89 4.66 9.48
N LEU A 432 -43.53 5.57 8.73
CA LEU A 432 -44.73 5.20 8.00
C LEU A 432 -44.46 4.02 7.07
N SER A 433 -43.31 4.02 6.40
CA SER A 433 -42.95 2.93 5.50
C SER A 433 -42.81 1.60 6.23
N TYR A 434 -42.60 1.64 7.55
CA TYR A 434 -42.44 0.41 8.31
C TYR A 434 -43.75 -0.02 8.97
N ILE A 435 -44.54 0.93 9.45
CA ILE A 435 -45.75 0.59 10.17
C ILE A 435 -46.94 0.33 9.23
N LEU A 436 -46.94 0.93 8.03
CA LEU A 436 -47.97 0.62 7.04
C LEU A 436 -47.59 -0.56 6.16
N LEU A 437 -46.40 -0.50 5.55
CA LEU A 437 -46.00 -1.50 4.56
C LEU A 437 -45.59 -2.84 5.17
N VAL A 438 -45.55 -2.95 6.50
CA VAL A 438 -45.13 -4.19 7.15
C VAL A 438 -45.97 -4.43 8.39
N GLY A 439 -47.25 -4.75 8.19
CA GLY A 439 -48.09 -5.11 9.32
C GLY A 439 -47.82 -6.49 9.86
N ASP A 440 -47.39 -7.42 9.00
CA ASP A 440 -47.04 -8.77 9.39
C ASP A 440 -45.84 -9.23 8.58
N VAL A 441 -45.35 -10.42 8.88
CA VAL A 441 -44.15 -10.97 8.25
C VAL A 441 -44.54 -12.03 7.25
N LYS A 442 -43.74 -12.14 6.18
CA LYS A 442 -44.02 -13.08 5.10
C LYS A 442 -43.48 -14.48 5.36
N ARG A 443 -42.39 -14.58 6.11
CA ARG A 443 -41.57 -15.81 6.22
C ARG A 443 -40.62 -15.90 5.03
N ARG B 27 20.56 24.69 -4.02
CA ARG B 27 20.26 23.95 -2.80
C ARG B 27 19.04 23.06 -3.00
N ARG B 28 18.01 23.61 -3.65
CA ARG B 28 16.79 22.84 -3.87
C ARG B 28 17.06 21.62 -4.75
N ARG B 29 17.91 21.78 -5.76
CA ARG B 29 18.26 20.65 -6.61
C ARG B 29 18.89 19.52 -5.81
N TYR B 30 19.65 19.86 -4.76
CA TYR B 30 20.22 18.83 -3.90
C TYR B 30 19.12 18.01 -3.23
N LEU B 31 18.04 18.68 -2.79
CA LEU B 31 16.90 17.99 -2.23
C LEU B 31 16.38 16.94 -3.20
N THR B 32 16.24 17.31 -4.47
CA THR B 32 15.74 16.36 -5.47
C THR B 32 16.71 15.20 -5.66
N LEU B 33 18.01 15.46 -5.59
CA LEU B 33 18.98 14.38 -5.75
C LEU B 33 18.86 13.38 -4.62
N VAL B 34 18.82 13.87 -3.37
CA VAL B 34 18.61 12.97 -2.25
C VAL B 34 17.21 12.38 -2.28
N MET B 35 16.28 13.01 -3.00
CA MET B 35 14.96 12.43 -3.19
C MET B 35 15.00 11.30 -4.21
N ILE B 36 15.73 11.48 -5.31
CA ILE B 36 15.94 10.39 -6.25
C ILE B 36 16.76 9.29 -5.59
N PHE B 37 17.73 9.67 -4.76
CA PHE B 37 18.59 8.69 -4.10
C PHE B 37 17.77 7.65 -3.35
N ILE B 38 16.83 8.11 -2.52
CA ILE B 38 16.01 7.19 -1.73
C ILE B 38 15.37 6.15 -2.63
N THR B 39 14.87 6.58 -3.79
CA THR B 39 14.21 5.64 -4.70
C THR B 39 15.19 4.60 -5.22
N VAL B 40 16.40 5.01 -5.58
CA VAL B 40 17.39 4.05 -6.09
C VAL B 40 17.68 2.99 -5.03
N VAL B 41 17.68 3.38 -3.76
CA VAL B 41 17.80 2.40 -2.68
C VAL B 41 16.59 1.48 -2.70
N ILE B 42 15.40 2.05 -2.53
CA ILE B 42 14.17 1.26 -2.62
C ILE B 42 14.16 0.42 -3.87
N CYS B 43 14.69 0.98 -4.97
CA CYS B 43 14.73 0.24 -6.23
C CYS B 43 15.55 -1.04 -6.09
N TYR B 44 16.77 -0.92 -5.59
CA TYR B 44 17.68 -2.07 -5.56
C TYR B 44 17.46 -2.98 -4.36
N VAL B 45 16.81 -2.51 -3.29
CA VAL B 45 16.47 -3.40 -2.19
C VAL B 45 15.47 -4.45 -2.65
N ASP B 46 14.33 -3.98 -3.19
CA ASP B 46 13.31 -4.90 -3.69
C ASP B 46 13.90 -5.99 -4.56
N ARG B 47 15.02 -5.70 -5.24
CA ARG B 47 15.74 -6.75 -5.96
C ARG B 47 16.39 -7.73 -5.00
N ALA B 48 17.04 -7.21 -3.95
CA ALA B 48 17.79 -8.04 -3.01
C ALA B 48 16.97 -8.50 -1.81
N ASN B 49 15.73 -8.03 -1.66
CA ASN B 49 14.92 -8.43 -0.52
C ASN B 49 14.64 -9.94 -0.52
N LEU B 50 14.81 -10.60 -1.66
CA LEU B 50 14.67 -12.05 -1.70
C LEU B 50 15.94 -12.76 -1.23
N ALA B 51 17.09 -12.17 -1.50
CA ALA B 51 18.35 -12.78 -1.08
C ALA B 51 18.38 -12.98 0.43
N VAL B 52 17.85 -12.02 1.19
CA VAL B 52 17.83 -12.14 2.65
C VAL B 52 16.85 -13.22 3.09
N ALA B 53 15.70 -13.31 2.42
CA ALA B 53 14.65 -14.25 2.80
C ALA B 53 14.77 -15.59 2.11
N SER B 54 15.80 -15.80 1.29
CA SER B 54 15.88 -17.04 0.51
C SER B 54 15.93 -18.26 1.42
N ALA B 55 16.61 -18.14 2.57
CA ALA B 55 16.76 -19.29 3.45
C ALA B 55 15.41 -19.81 3.94
N HIS B 56 14.57 -18.90 4.44
CA HIS B 56 13.28 -19.33 5.00
C HIS B 56 12.29 -19.70 3.90
N ILE B 57 12.34 -19.00 2.76
CA ILE B 57 11.42 -19.31 1.67
C ILE B 57 11.59 -20.76 1.23
N GLN B 58 12.82 -21.27 1.26
CA GLN B 58 13.07 -22.64 0.84
C GLN B 58 12.51 -23.67 1.81
N GLU B 59 12.31 -23.30 3.07
CA GLU B 59 11.85 -24.25 4.08
C GLU B 59 10.35 -24.16 4.32
N GLU B 60 9.77 -22.97 4.26
CA GLU B 60 8.34 -22.82 4.43
C GLU B 60 7.58 -23.46 3.27
N PHE B 61 7.89 -23.02 2.05
CA PHE B 61 7.29 -23.60 0.85
C PHE B 61 8.00 -24.87 0.40
N GLY B 62 9.15 -25.20 0.98
CA GLY B 62 9.91 -26.35 0.58
C GLY B 62 10.88 -26.13 -0.57
N ILE B 63 10.63 -25.11 -1.40
CA ILE B 63 11.41 -24.84 -2.61
C ILE B 63 12.84 -25.32 -2.49
N THR B 64 13.30 -26.09 -3.47
CA THR B 64 14.67 -26.57 -3.51
C THR B 64 15.62 -25.41 -3.81
N LYS B 65 16.90 -25.72 -3.91
CA LYS B 65 17.86 -24.74 -4.41
C LYS B 65 17.76 -24.57 -5.92
N ALA B 66 17.36 -25.62 -6.63
CA ALA B 66 17.18 -25.51 -8.08
C ALA B 66 15.88 -24.80 -8.42
N GLU B 67 14.82 -25.05 -7.66
CA GLU B 67 13.58 -24.31 -7.86
C GLU B 67 13.74 -22.84 -7.48
N MET B 68 14.66 -22.54 -6.55
CA MET B 68 14.80 -21.18 -6.06
C MET B 68 15.50 -20.28 -7.08
N GLY B 69 16.44 -20.82 -7.85
CA GLY B 69 17.10 -20.01 -8.86
C GLY B 69 16.13 -19.42 -9.86
N TYR B 70 15.08 -20.16 -10.22
CA TYR B 70 14.07 -19.65 -11.14
C TYR B 70 13.37 -18.43 -10.58
N VAL B 71 13.22 -18.35 -9.26
CA VAL B 71 12.48 -17.25 -8.66
C VAL B 71 13.28 -15.95 -8.75
N PHE B 72 14.57 -16.01 -8.39
CA PHE B 72 15.44 -14.85 -8.57
C PHE B 72 15.35 -14.33 -9.99
N SER B 73 15.48 -15.22 -10.98
CA SER B 73 15.51 -14.82 -12.38
C SER B 73 14.18 -14.26 -12.87
N ALA B 74 13.07 -14.62 -12.22
CA ALA B 74 11.76 -14.16 -12.68
C ALA B 74 11.73 -12.65 -12.87
N PHE B 75 12.39 -11.91 -11.97
CA PHE B 75 12.41 -10.45 -12.08
C PHE B 75 13.24 -9.99 -13.27
N ALA B 76 14.42 -10.60 -13.47
CA ALA B 76 15.32 -10.13 -14.51
C ALA B 76 14.72 -10.28 -15.90
N TRP B 77 13.84 -11.26 -16.09
CA TRP B 77 13.25 -11.50 -17.41
C TRP B 77 12.55 -10.24 -17.93
N LEU B 78 11.60 -9.71 -17.15
CA LEU B 78 10.76 -8.62 -17.65
C LEU B 78 11.42 -7.27 -17.47
N TYR B 79 12.21 -7.08 -16.41
CA TYR B 79 12.98 -5.85 -16.26
C TYR B 79 13.73 -5.53 -17.54
N THR B 80 14.53 -6.48 -18.01
CA THR B 80 15.27 -6.30 -19.26
C THR B 80 14.33 -6.32 -20.46
N LEU B 81 13.50 -7.36 -20.55
CA LEU B 81 12.59 -7.49 -21.69
C LEU B 81 11.69 -6.27 -21.83
N CYS B 82 11.29 -5.66 -20.71
CA CYS B 82 10.42 -4.48 -20.73
C CYS B 82 11.19 -3.19 -20.45
N GLN B 83 12.44 -3.12 -20.88
CA GLN B 83 13.21 -1.88 -20.73
C GLN B 83 12.70 -0.81 -21.68
N ILE B 84 12.54 -1.16 -22.96
CA ILE B 84 12.19 -0.17 -23.98
C ILE B 84 10.71 0.19 -23.94
N PRO B 85 9.77 -0.70 -23.59
CA PRO B 85 8.41 -0.22 -23.39
C PRO B 85 8.30 0.82 -22.29
N GLY B 86 9.11 0.67 -21.23
CA GLY B 86 9.21 1.72 -20.24
C GLY B 86 9.81 3.01 -20.79
N GLY B 87 10.67 2.88 -21.81
CA GLY B 87 11.17 4.06 -22.48
C GLY B 87 10.09 4.78 -23.27
N TRP B 88 9.28 4.02 -24.02
CA TRP B 88 8.14 4.60 -24.70
C TRP B 88 7.18 5.21 -23.70
N PHE B 89 6.74 4.41 -22.71
CA PHE B 89 5.88 4.91 -21.65
C PHE B 89 6.42 6.23 -21.10
N LEU B 90 7.73 6.30 -20.86
CA LEU B 90 8.32 7.52 -20.34
C LEU B 90 8.12 8.68 -21.30
N ASP B 91 8.48 8.50 -22.58
CA ASP B 91 8.41 9.59 -23.54
C ASP B 91 6.99 10.12 -23.67
N ARG B 92 6.00 9.23 -23.71
CA ARG B 92 4.62 9.62 -23.98
C ARG B 92 3.89 10.05 -22.70
N VAL B 93 4.17 9.38 -21.57
CA VAL B 93 3.40 9.60 -20.36
C VAL B 93 3.95 10.75 -19.51
N GLY B 94 5.23 11.03 -19.60
CA GLY B 94 5.84 12.07 -18.81
C GLY B 94 6.67 11.48 -17.68
N SER B 95 7.67 12.25 -17.25
CA SER B 95 8.62 11.75 -16.24
C SER B 95 7.99 11.71 -14.86
N ARG B 96 7.33 12.79 -14.45
CA ARG B 96 6.80 12.86 -13.09
C ARG B 96 5.84 11.71 -12.80
N VAL B 97 4.74 11.64 -13.57
CA VAL B 97 3.71 10.64 -13.31
C VAL B 97 4.25 9.22 -13.49
N THR B 98 5.17 9.03 -14.43
CA THR B 98 5.70 7.69 -14.68
C THR B 98 6.32 7.10 -13.43
N TYR B 99 7.17 7.88 -12.75
CA TYR B 99 7.84 7.38 -11.55
C TYR B 99 6.83 6.94 -10.50
N PHE B 100 5.82 7.77 -10.24
CA PHE B 100 4.82 7.42 -9.23
C PHE B 100 4.19 6.06 -9.53
N ILE B 101 3.72 5.87 -10.77
CA ILE B 101 3.12 4.59 -11.14
C ILE B 101 4.10 3.46 -10.87
N ALA B 102 5.37 3.67 -11.19
CA ALA B 102 6.38 2.63 -10.95
C ALA B 102 6.51 2.34 -9.46
N ILE B 103 6.77 3.38 -8.66
CA ILE B 103 6.99 3.18 -7.23
C ILE B 103 5.75 2.54 -6.59
N PHE B 104 4.60 3.19 -6.74
CA PHE B 104 3.37 2.62 -6.18
C PHE B 104 3.04 1.30 -6.85
N GLY B 105 3.32 1.17 -8.14
CA GLY B 105 3.06 -0.06 -8.85
C GLY B 105 3.79 -1.25 -8.27
N TRP B 106 5.12 -1.15 -8.15
CA TRP B 106 5.90 -2.27 -7.67
C TRP B 106 5.84 -2.39 -6.15
N SER B 107 5.69 -1.27 -5.44
CA SER B 107 5.58 -1.33 -3.98
C SER B 107 4.39 -2.17 -3.55
N VAL B 108 3.26 -2.04 -4.25
CA VAL B 108 2.11 -2.89 -3.98
C VAL B 108 2.42 -4.33 -4.36
N ALA B 109 3.15 -4.53 -5.47
CA ALA B 109 3.53 -5.87 -5.87
C ALA B 109 4.42 -6.54 -4.83
N THR B 110 5.35 -5.79 -4.26
CA THR B 110 6.18 -6.32 -3.18
C THR B 110 5.32 -6.67 -1.97
N LEU B 111 4.43 -5.76 -1.59
CA LEU B 111 3.58 -5.98 -0.42
C LEU B 111 2.92 -7.35 -0.48
N PHE B 112 2.35 -7.71 -1.63
CA PHE B 112 1.62 -8.96 -1.73
C PHE B 112 2.52 -10.18 -1.58
N GLN B 113 3.81 -10.06 -1.87
CA GLN B 113 4.71 -11.20 -1.68
C GLN B 113 4.73 -11.65 -0.22
N GLY B 114 4.43 -10.75 0.71
CA GLY B 114 4.33 -11.15 2.10
C GLY B 114 3.19 -12.11 2.36
N PHE B 115 2.11 -11.98 1.61
CA PHE B 115 0.96 -12.88 1.71
C PHE B 115 0.95 -13.94 0.63
N ALA B 116 1.97 -13.98 -0.22
CA ALA B 116 2.01 -14.95 -1.31
C ALA B 116 2.15 -16.37 -0.76
N THR B 117 1.41 -17.30 -1.36
CA THR B 117 1.48 -18.70 -1.02
C THR B 117 1.81 -19.52 -2.26
N GLY B 118 2.60 -20.57 -2.09
CA GLY B 118 3.00 -21.39 -3.21
C GLY B 118 4.21 -20.80 -3.94
N LEU B 119 4.23 -21.00 -5.25
CA LEU B 119 5.36 -20.58 -6.08
C LEU B 119 4.90 -19.72 -7.25
N MET B 120 4.11 -20.30 -8.15
CA MET B 120 3.63 -19.55 -9.31
C MET B 120 2.93 -18.27 -8.91
N SER B 121 2.34 -18.24 -7.72
CA SER B 121 1.78 -17.00 -7.20
C SER B 121 2.87 -15.95 -7.01
N LEU B 122 4.06 -16.39 -6.57
CA LEU B 122 5.13 -15.44 -6.26
C LEU B 122 5.86 -14.99 -7.52
N ILE B 123 6.35 -15.93 -8.33
CA ILE B 123 7.08 -15.56 -9.54
C ILE B 123 6.29 -14.54 -10.34
N GLY B 124 4.96 -14.65 -10.33
CA GLY B 124 4.14 -13.60 -10.93
C GLY B 124 4.38 -12.26 -10.26
N LEU B 125 4.32 -12.23 -8.93
CA LEU B 125 4.64 -11.01 -8.19
C LEU B 125 6.04 -10.52 -8.53
N ARG B 126 7.01 -11.45 -8.61
CA ARG B 126 8.34 -11.07 -9.06
C ARG B 126 8.33 -10.59 -10.50
N ALA B 127 7.35 -11.03 -11.28
CA ALA B 127 7.28 -10.62 -12.69
C ALA B 127 6.63 -9.25 -12.84
N ILE B 128 5.61 -8.96 -12.02
CA ILE B 128 4.99 -7.63 -12.06
C ILE B 128 6.01 -6.58 -11.65
N THR B 129 6.85 -6.89 -10.66
CA THR B 129 7.86 -5.93 -10.20
C THR B 129 8.81 -5.55 -11.33
N GLY B 130 9.25 -6.54 -12.12
CA GLY B 130 10.16 -6.24 -13.21
C GLY B 130 9.60 -5.26 -14.21
N ILE B 131 8.28 -5.23 -14.36
CA ILE B 131 7.66 -4.31 -15.32
C ILE B 131 7.81 -2.87 -14.85
N PHE B 132 7.45 -2.60 -13.58
CA PHE B 132 7.42 -1.24 -13.09
C PHE B 132 8.82 -0.69 -12.85
N GLU B 133 9.77 -1.56 -12.54
CA GLU B 133 11.12 -1.11 -12.23
C GLU B 133 11.97 -0.89 -13.47
N ALA B 134 11.54 -1.39 -14.62
CA ALA B 134 12.28 -1.15 -15.86
C ALA B 134 12.33 0.32 -16.23
N PRO B 135 11.22 1.06 -16.27
CA PRO B 135 11.31 2.49 -16.61
C PRO B 135 12.11 3.31 -15.61
N ALA B 136 12.40 2.78 -14.42
CA ALA B 136 13.05 3.54 -13.36
C ALA B 136 14.26 4.31 -13.86
N PHE B 137 15.32 3.61 -14.25
CA PHE B 137 16.55 4.29 -14.67
C PHE B 137 16.33 5.23 -15.84
N PRO B 138 15.62 4.84 -16.91
CA PRO B 138 15.37 5.80 -18.00
C PRO B 138 14.89 7.17 -17.52
N THR B 139 14.05 7.21 -16.49
CA THR B 139 13.58 8.49 -15.96
C THR B 139 14.70 9.20 -15.22
N ASN B 140 15.37 8.51 -14.30
CA ASN B 140 16.49 9.10 -13.58
C ASN B 140 17.42 9.85 -14.53
N ASN B 141 17.82 9.20 -15.62
CA ASN B 141 18.64 9.88 -16.61
C ASN B 141 17.90 11.08 -17.22
N ARG B 142 16.59 10.92 -17.47
CA ARG B 142 15.82 12.05 -17.97
C ARG B 142 15.53 13.09 -16.91
N MET B 143 15.59 12.71 -15.63
CA MET B 143 15.35 13.69 -14.57
C MET B 143 16.60 14.49 -14.26
N VAL B 144 17.75 13.82 -14.17
CA VAL B 144 19.00 14.53 -13.90
C VAL B 144 19.25 15.60 -14.96
N THR B 145 18.79 15.37 -16.19
CA THR B 145 18.94 16.38 -17.23
C THR B 145 17.92 17.50 -17.13
N SER B 146 16.89 17.35 -16.29
CA SER B 146 15.93 18.41 -16.05
C SER B 146 16.23 19.22 -14.79
N TRP B 147 17.11 18.72 -13.92
CA TRP B 147 17.35 19.34 -12.62
C TRP B 147 18.80 19.69 -12.34
N PHE B 148 19.71 19.49 -13.28
CA PHE B 148 21.13 19.70 -13.00
C PHE B 148 21.83 20.28 -14.21
N PRO B 149 22.90 21.06 -14.00
CA PRO B 149 23.72 21.55 -15.12
C PRO B 149 24.63 20.44 -15.66
N GLU B 150 25.19 20.72 -16.85
CA GLU B 150 25.99 19.71 -17.54
C GLU B 150 27.12 19.18 -16.67
N HIS B 151 27.89 20.09 -16.06
CA HIS B 151 29.08 19.68 -15.32
C HIS B 151 28.76 18.94 -14.03
N GLU B 152 27.52 19.02 -13.54
CA GLU B 152 27.14 18.33 -12.31
C GLU B 152 26.35 17.05 -12.55
N ARG B 153 25.84 16.82 -13.76
CA ARG B 153 25.10 15.59 -14.03
C ARG B 153 25.95 14.36 -13.75
N ALA B 154 27.21 14.37 -14.20
CA ALA B 154 28.09 13.23 -13.97
C ALA B 154 28.27 12.94 -12.49
N SER B 155 28.20 13.98 -11.65
CA SER B 155 28.28 13.78 -10.21
C SER B 155 26.94 13.32 -9.64
N ALA B 156 25.83 13.80 -10.21
CA ALA B 156 24.51 13.40 -9.73
C ALA B 156 24.24 11.92 -10.00
N VAL B 157 24.50 11.48 -11.24
CA VAL B 157 24.31 10.07 -11.57
C VAL B 157 25.25 9.20 -10.74
N GLY B 158 26.50 9.66 -10.57
CA GLY B 158 27.43 8.93 -9.73
C GLY B 158 27.07 8.93 -8.27
N PHE B 159 26.17 9.83 -7.85
CA PHE B 159 25.76 9.89 -6.45
C PHE B 159 24.76 8.77 -6.13
N TYR B 160 23.69 8.66 -6.92
CA TYR B 160 22.67 7.65 -6.61
C TYR B 160 23.05 6.29 -7.15
N THR B 161 23.81 6.22 -8.26
CA THR B 161 24.24 4.92 -8.76
C THR B 161 25.28 4.29 -7.84
N SER B 162 26.17 5.10 -7.28
CA SER B 162 27.15 4.60 -6.31
C SER B 162 26.55 4.42 -4.92
N GLY B 163 25.40 5.02 -4.66
CA GLY B 163 24.78 4.89 -3.35
C GLY B 163 24.07 3.58 -3.11
N GLN B 164 23.72 2.86 -4.17
CA GLN B 164 23.03 1.58 -4.01
C GLN B 164 23.85 0.63 -3.14
N PHE B 165 25.16 0.57 -3.34
CA PHE B 165 25.99 -0.39 -2.63
C PHE B 165 26.11 -0.05 -1.15
N VAL B 166 25.96 1.23 -0.80
CA VAL B 166 25.98 1.62 0.60
C VAL B 166 24.66 1.25 1.27
N GLY B 167 23.55 1.60 0.63
CA GLY B 167 22.25 1.21 1.14
C GLY B 167 22.17 -0.27 1.41
N LEU B 168 22.40 -1.08 0.37
CA LEU B 168 22.36 -2.52 0.52
C LEU B 168 23.34 -3.00 1.59
N ALA B 169 24.47 -2.30 1.75
CA ALA B 169 25.46 -2.71 2.74
C ALA B 169 24.89 -2.62 4.15
N PHE B 170 24.24 -1.50 4.47
CA PHE B 170 23.73 -1.25 5.82
C PHE B 170 22.26 -1.60 5.98
N LEU B 171 21.61 -2.15 4.96
CA LEU B 171 20.21 -2.56 5.05
C LEU B 171 20.04 -4.08 5.12
N THR B 172 20.77 -4.83 4.28
CA THR B 172 20.68 -6.29 4.28
C THR B 172 21.00 -6.84 5.66
N PRO B 173 21.86 -6.19 6.46
CA PRO B 173 21.98 -6.64 7.85
C PRO B 173 20.71 -6.40 8.66
N LEU B 174 20.01 -5.30 8.39
CA LEU B 174 18.78 -5.01 9.11
C LEU B 174 17.68 -6.00 8.76
N LEU B 175 17.48 -6.25 7.46
CA LEU B 175 16.40 -7.14 7.04
C LEU B 175 16.67 -8.59 7.44
N ILE B 176 17.94 -9.00 7.48
CA ILE B 176 18.25 -10.31 8.04
C ILE B 176 17.93 -10.32 9.53
N TRP B 177 18.21 -9.23 10.23
CA TRP B 177 17.94 -9.16 11.66
C TRP B 177 16.44 -9.21 11.94
N ILE B 178 15.62 -8.63 11.07
CA ILE B 178 14.17 -8.65 11.27
C ILE B 178 13.60 -10.01 10.93
N GLN B 179 13.98 -10.56 9.77
CA GLN B 179 13.46 -11.86 9.34
C GLN B 179 13.54 -12.89 10.45
N GLU B 180 14.72 -13.00 11.07
CA GLU B 180 14.92 -14.02 12.09
C GLU B 180 13.97 -13.82 13.27
N MET B 181 13.73 -12.57 13.67
CA MET B 181 12.94 -12.30 14.86
C MET B 181 11.44 -12.41 14.59
N LEU B 182 10.98 -11.99 13.41
CA LEU B 182 9.57 -12.05 13.08
C LEU B 182 9.38 -13.14 12.04
N SER B 183 9.40 -12.82 10.75
CA SER B 183 9.24 -13.82 9.70
C SER B 183 9.54 -13.16 8.37
N TRP B 184 9.86 -13.99 7.36
CA TRP B 184 10.20 -13.45 6.05
C TRP B 184 9.03 -12.67 5.46
N HIS B 185 7.80 -13.03 5.83
CA HIS B 185 6.63 -12.30 5.33
C HIS B 185 6.78 -10.81 5.57
N TRP B 186 7.31 -10.43 6.73
CA TRP B 186 7.36 -9.03 7.12
C TRP B 186 8.25 -8.21 6.18
N VAL B 187 9.35 -8.80 5.70
CA VAL B 187 10.23 -8.10 4.78
C VAL B 187 9.42 -7.45 3.65
N PHE B 188 8.41 -8.17 3.16
CA PHE B 188 7.58 -7.64 2.09
C PHE B 188 6.50 -6.69 2.63
N ILE B 189 6.06 -6.87 3.87
CA ILE B 189 5.14 -5.92 4.47
C ILE B 189 5.83 -4.58 4.69
N VAL B 190 7.08 -4.61 5.16
CA VAL B 190 7.79 -3.38 5.48
C VAL B 190 8.22 -2.68 4.19
N THR B 191 9.05 -3.35 3.38
CA THR B 191 9.47 -2.76 2.12
C THR B 191 8.28 -2.37 1.26
N GLY B 192 7.19 -3.12 1.34
CA GLY B 192 6.00 -2.75 0.58
C GLY B 192 5.33 -1.51 1.14
N GLY B 193 5.05 -1.50 2.44
CA GLY B 193 4.37 -0.37 3.03
C GLY B 193 5.14 0.92 2.86
N ILE B 194 6.47 0.86 3.01
CA ILE B 194 7.30 2.05 2.84
C ILE B 194 7.15 2.60 1.42
N GLY B 195 7.29 1.72 0.43
CA GLY B 195 7.20 2.16 -0.96
C GLY B 195 5.87 2.82 -1.27
N ILE B 196 4.78 2.25 -0.76
CA ILE B 196 3.46 2.83 -1.02
C ILE B 196 3.38 4.23 -0.42
N ILE B 197 3.87 4.40 0.81
CA ILE B 197 3.87 5.73 1.41
C ILE B 197 4.84 6.64 0.66
N TRP B 198 6.01 6.12 0.30
CA TRP B 198 7.00 6.93 -0.41
C TRP B 198 6.48 7.34 -1.79
N SER B 199 5.73 6.45 -2.45
CA SER B 199 5.16 6.78 -3.74
C SER B 199 4.25 8.01 -3.64
N LEU B 200 3.39 8.02 -2.63
CA LEU B 200 2.48 9.15 -2.46
C LEU B 200 3.22 10.39 -1.98
N ILE B 201 4.22 10.21 -1.10
CA ILE B 201 5.09 11.33 -0.73
C ILE B 201 5.78 11.88 -1.97
N TRP B 202 6.22 11.00 -2.86
CA TRP B 202 6.85 11.44 -4.10
C TRP B 202 5.86 12.20 -4.97
N PHE B 203 4.73 11.58 -5.28
CA PHE B 203 3.67 12.27 -6.03
C PHE B 203 3.45 13.66 -5.48
N LYS B 204 3.52 13.82 -4.17
CA LYS B 204 3.25 15.12 -3.54
C LYS B 204 4.30 16.15 -3.92
N VAL B 205 5.57 15.86 -3.65
CA VAL B 205 6.59 16.92 -3.54
C VAL B 205 7.36 17.19 -4.83
N TYR B 206 7.25 16.34 -5.84
CA TYR B 206 8.11 16.46 -7.02
C TYR B 206 7.41 17.21 -8.14
N GLN B 207 8.15 18.14 -8.76
CA GLN B 207 7.68 18.94 -9.88
C GLN B 207 8.90 19.41 -10.66
N PRO B 208 8.80 19.56 -11.99
CA PRO B 208 9.93 20.12 -12.74
C PRO B 208 10.31 21.47 -12.20
N PRO B 209 11.57 21.88 -12.37
CA PRO B 209 12.01 23.16 -11.78
C PRO B 209 11.13 24.35 -12.14
N ARG B 210 10.54 24.37 -13.34
CA ARG B 210 9.69 25.49 -13.71
C ARG B 210 8.46 25.57 -12.81
N LEU B 211 7.82 24.43 -12.56
CA LEU B 211 6.63 24.37 -11.73
C LEU B 211 6.94 24.06 -10.27
N THR B 212 8.21 23.91 -9.91
CA THR B 212 8.58 23.72 -8.51
C THR B 212 8.38 25.03 -7.75
N LYS B 213 7.66 24.97 -6.64
CA LYS B 213 7.45 26.13 -5.80
C LYS B 213 8.37 26.08 -4.60
N GLY B 214 8.74 27.25 -4.09
CA GLY B 214 9.72 27.32 -3.03
C GLY B 214 11.15 27.26 -3.52
N ILE B 215 11.38 27.48 -4.81
CA ILE B 215 12.72 27.52 -5.39
C ILE B 215 13.01 28.96 -5.80
N SER B 216 14.25 29.39 -5.57
CA SER B 216 14.64 30.76 -5.88
C SER B 216 14.80 30.94 -7.38
N LYS B 217 14.54 32.17 -7.84
CA LYS B 217 14.78 32.51 -9.24
C LYS B 217 16.24 32.27 -9.61
N ALA B 218 17.16 32.64 -8.73
CA ALA B 218 18.58 32.47 -9.01
C ALA B 218 18.93 31.00 -9.20
N GLU B 219 18.40 30.12 -8.34
CA GLU B 219 18.68 28.70 -8.45
C GLU B 219 17.99 28.07 -9.66
N LEU B 220 16.91 28.69 -10.16
CA LEU B 220 16.24 28.17 -11.35
C LEU B 220 16.96 28.57 -12.62
N ASP B 221 17.65 29.70 -12.63
CA ASP B 221 18.47 30.10 -13.77
C ASP B 221 19.84 29.44 -13.76
N TYR B 222 20.29 28.95 -12.61
CA TYR B 222 21.56 28.22 -12.55
C TYR B 222 21.46 26.89 -13.29
N ILE B 223 20.35 26.17 -13.12
CA ILE B 223 20.12 24.92 -13.84
C ILE B 223 19.46 25.16 -15.20
N ARG B 224 19.23 26.40 -15.59
CA ARG B 224 18.68 26.75 -16.89
C ARG B 224 19.74 27.24 -17.87
N ASP B 225 20.64 28.12 -17.42
CA ASP B 225 21.74 28.58 -18.25
C ASP B 225 22.92 27.60 -18.25
N GLY B 226 22.90 26.58 -17.39
CA GLY B 226 23.96 25.61 -17.36
C GLY B 226 23.76 24.48 -18.36
N GLY B 227 22.50 24.07 -18.56
CA GLY B 227 22.20 23.03 -19.52
C GLY B 227 20.91 22.28 -19.20
N GLY B 228 20.47 22.35 -17.95
CA GLY B 228 19.28 21.59 -17.56
C GLY B 228 18.02 22.17 -18.15
N LEU B 229 17.05 21.29 -18.38
CA LEU B 229 15.73 21.69 -18.88
C LEU B 229 14.84 22.00 -17.70
N VAL B 230 14.64 23.29 -17.44
CA VAL B 230 13.81 23.70 -16.29
C VAL B 230 12.36 23.31 -16.52
N ASP B 231 11.87 23.42 -17.76
CA ASP B 231 10.51 22.99 -18.05
C ASP B 231 10.37 21.48 -17.90
N GLY B 232 11.36 20.73 -18.36
CA GLY B 232 11.44 19.30 -18.09
C GLY B 232 10.86 18.46 -19.21
N ASP B 233 11.32 17.21 -19.28
CA ASP B 233 10.80 16.17 -20.16
C ASP B 233 11.09 16.41 -21.63
N ALA B 234 11.86 17.44 -21.97
CA ALA B 234 12.20 17.72 -23.36
C ALA B 234 10.94 17.83 -24.22
N PRO B 243 13.87 3.39 -41.25
CA PRO B 243 15.17 3.57 -41.90
C PRO B 243 16.21 2.55 -41.46
N LEU B 244 15.76 1.35 -41.14
CA LEU B 244 16.67 0.28 -40.76
C LEU B 244 17.58 -0.10 -41.92
N THR B 245 18.84 -0.38 -41.61
CA THR B 245 19.82 -0.78 -42.60
C THR B 245 20.56 -2.02 -42.11
N ALA B 246 20.93 -2.89 -43.06
CA ALA B 246 21.64 -4.11 -42.71
C ALA B 246 22.99 -3.79 -42.07
N LYS B 247 23.71 -2.81 -42.61
CA LYS B 247 25.00 -2.45 -42.05
C LYS B 247 24.88 -2.12 -40.57
N ASP B 248 23.89 -1.29 -40.20
CA ASP B 248 23.67 -0.96 -38.80
C ASP B 248 23.61 -2.23 -37.94
N TRP B 249 22.86 -3.23 -38.40
CA TRP B 249 22.80 -4.49 -37.68
C TRP B 249 24.18 -5.09 -37.50
N LYS B 250 24.99 -5.09 -38.57
CA LYS B 250 26.35 -5.62 -38.48
C LYS B 250 27.34 -4.59 -37.94
N LEU B 251 27.00 -3.30 -37.97
CA LEU B 251 27.87 -2.28 -37.39
C LEU B 251 27.72 -2.24 -35.87
N VAL B 252 26.48 -2.27 -35.39
CA VAL B 252 26.24 -2.31 -33.95
C VAL B 252 26.87 -3.56 -33.34
N PHE B 253 26.90 -4.66 -34.08
CA PHE B 253 27.57 -5.89 -33.64
C PHE B 253 28.93 -5.92 -34.30
N HIS B 254 29.92 -5.35 -33.61
CA HIS B 254 31.25 -5.16 -34.13
C HIS B 254 32.26 -5.89 -33.26
N ARG B 255 33.37 -6.32 -33.88
CA ARG B 255 34.39 -7.09 -33.18
C ARG B 255 34.73 -6.48 -31.82
N LYS B 256 34.65 -5.16 -31.70
CA LYS B 256 34.90 -4.48 -30.44
C LYS B 256 33.66 -4.44 -29.56
N LEU B 257 32.53 -3.99 -30.13
CA LEU B 257 31.31 -3.86 -29.33
C LEU B 257 30.91 -5.20 -28.72
N ILE B 258 31.14 -6.30 -29.44
CA ILE B 258 30.91 -7.61 -28.84
C ILE B 258 31.77 -7.77 -27.60
N GLY B 259 32.94 -7.14 -27.58
CA GLY B 259 33.81 -7.23 -26.41
C GLY B 259 33.24 -6.51 -25.21
N VAL B 260 32.66 -5.32 -25.42
CA VAL B 260 32.11 -4.57 -24.30
C VAL B 260 30.80 -5.18 -23.83
N TYR B 261 30.03 -5.82 -24.73
CA TYR B 261 28.83 -6.51 -24.32
C TYR B 261 29.16 -7.65 -23.35
N LEU B 262 30.21 -8.41 -23.65
CA LEU B 262 30.59 -9.52 -22.79
C LEU B 262 31.01 -9.03 -21.41
N GLY B 263 31.81 -7.96 -21.36
CA GLY B 263 32.23 -7.42 -20.07
C GLY B 263 31.05 -7.04 -19.20
N GLN B 264 30.03 -6.41 -19.79
CA GLN B 264 28.85 -6.04 -19.02
C GLN B 264 28.15 -7.27 -18.45
N PHE B 265 28.09 -8.34 -19.24
CA PHE B 265 27.49 -9.59 -18.75
C PHE B 265 28.23 -10.10 -17.51
N ALA B 266 29.56 -9.94 -17.48
CA ALA B 266 30.32 -10.36 -16.31
C ALA B 266 30.05 -9.45 -15.13
N VAL B 267 29.95 -8.14 -15.37
CA VAL B 267 29.65 -7.21 -14.27
C VAL B 267 28.31 -7.54 -13.64
N ALA B 268 27.31 -7.86 -14.48
CA ALA B 268 25.98 -8.16 -13.96
C ALA B 268 25.97 -9.47 -13.20
N SER B 269 26.68 -10.49 -13.69
CA SER B 269 26.67 -11.80 -13.07
C SER B 269 27.17 -11.72 -11.62
N THR B 270 28.36 -11.15 -11.42
CA THR B 270 28.89 -11.00 -10.08
C THR B 270 27.92 -10.22 -9.19
N LEU B 271 27.53 -9.02 -9.64
CA LEU B 271 26.63 -8.18 -8.86
C LEU B 271 25.36 -8.93 -8.49
N TRP B 272 24.77 -9.66 -9.44
CA TRP B 272 23.49 -10.31 -9.18
C TRP B 272 23.62 -11.45 -8.17
N PHE B 273 24.74 -12.20 -8.23
CA PHE B 273 24.97 -13.21 -7.20
C PHE B 273 24.89 -12.59 -5.82
N PHE B 274 25.55 -11.44 -5.63
CA PHE B 274 25.47 -10.73 -4.36
C PHE B 274 24.08 -10.20 -4.08
N LEU B 275 23.26 -9.98 -5.12
CA LEU B 275 21.87 -9.56 -4.94
C LEU B 275 20.91 -10.72 -4.74
N THR B 276 21.38 -11.97 -4.88
CA THR B 276 20.47 -13.11 -4.85
C THR B 276 20.96 -14.21 -3.93
N TRP B 277 22.01 -14.93 -4.33
CA TRP B 277 22.42 -16.14 -3.64
C TRP B 277 23.41 -15.91 -2.52
N PHE B 278 23.99 -14.71 -2.41
CA PHE B 278 25.07 -14.52 -1.45
C PHE B 278 24.62 -14.71 -0.01
N PRO B 279 23.56 -14.03 0.48
CA PRO B 279 23.08 -14.36 1.83
C PRO B 279 22.80 -15.84 1.99
N ASN B 280 22.03 -16.43 1.07
CA ASN B 280 21.73 -17.85 1.17
C ASN B 280 22.99 -18.69 1.02
N TYR B 281 23.96 -18.21 0.23
CA TYR B 281 25.20 -18.95 0.06
C TYR B 281 25.88 -19.20 1.40
N LEU B 282 26.00 -18.15 2.22
CA LEU B 282 26.69 -18.29 3.50
C LEU B 282 25.94 -19.26 4.41
N THR B 283 24.61 -19.21 4.40
CA THR B 283 23.84 -20.00 5.35
C THR B 283 23.79 -21.48 4.96
N GLN B 284 23.58 -21.77 3.67
CA GLN B 284 23.43 -23.16 3.24
C GLN B 284 24.79 -23.83 3.06
N GLU B 285 25.61 -23.29 2.15
CA GLU B 285 26.90 -23.90 1.86
C GLU B 285 27.84 -23.78 3.05
N LYS B 286 28.09 -22.55 3.51
CA LYS B 286 29.05 -22.30 4.57
C LYS B 286 28.46 -22.41 5.96
N GLY B 287 27.18 -22.71 6.09
CA GLY B 287 26.59 -22.89 7.40
C GLY B 287 26.75 -21.71 8.33
N ILE B 288 26.87 -20.51 7.78
CA ILE B 288 26.99 -19.31 8.60
C ILE B 288 25.62 -18.96 9.15
N THR B 289 25.53 -18.76 10.47
CA THR B 289 24.27 -18.36 11.07
C THR B 289 23.76 -17.08 10.39
N ALA B 290 22.43 -16.99 10.27
CA ALA B 290 21.82 -15.93 9.48
C ALA B 290 22.38 -14.56 9.83
N LEU B 291 22.54 -14.29 11.13
CA LEU B 291 22.91 -12.95 11.56
C LEU B 291 24.39 -12.68 11.35
N LYS B 292 25.25 -13.61 11.75
CA LYS B 292 26.67 -13.48 11.42
C LYS B 292 26.83 -13.10 9.95
N ALA B 293 26.29 -13.93 9.05
CA ALA B 293 26.27 -13.57 7.64
C ALA B 293 25.73 -12.17 7.43
N GLY B 294 24.62 -11.83 8.12
CA GLY B 294 24.06 -10.50 7.99
C GLY B 294 25.06 -9.39 8.23
N PHE B 295 26.06 -9.64 9.09
CA PHE B 295 27.14 -8.69 9.29
C PHE B 295 28.33 -8.97 8.37
N MET B 296 28.42 -10.16 7.79
CA MET B 296 29.45 -10.49 6.83
C MET B 296 29.10 -10.03 5.42
N THR B 297 28.03 -9.27 5.25
CA THR B 297 27.64 -8.73 3.96
C THR B 297 27.81 -7.21 3.85
N THR B 298 27.89 -6.51 4.99
CA THR B 298 28.06 -5.06 4.93
C THR B 298 29.42 -4.69 4.37
N VAL B 299 30.46 -5.45 4.70
CA VAL B 299 31.82 -5.12 4.30
C VAL B 299 31.99 -5.41 2.82
N PRO B 300 31.48 -6.53 2.30
CA PRO B 300 31.54 -6.73 0.84
C PRO B 300 30.84 -5.66 0.03
N PHE B 301 29.57 -5.34 0.35
CA PHE B 301 28.88 -4.30 -0.38
C PHE B 301 29.64 -2.98 -0.29
N LEU B 302 30.16 -2.65 0.89
CA LEU B 302 30.99 -1.45 1.02
C LEU B 302 32.27 -1.58 0.18
N ALA B 303 32.83 -2.78 0.10
CA ALA B 303 34.01 -2.98 -0.73
C ALA B 303 33.70 -2.72 -2.20
N ALA B 304 32.48 -3.04 -2.65
CA ALA B 304 32.07 -2.68 -4.00
C ALA B 304 31.94 -1.16 -4.15
N PHE B 305 31.34 -0.51 -3.15
CA PHE B 305 31.27 0.95 -3.15
C PHE B 305 32.65 1.57 -3.34
N VAL B 306 33.68 0.96 -2.74
CA VAL B 306 35.05 1.40 -2.98
C VAL B 306 35.41 1.21 -4.45
N GLY B 307 34.88 0.18 -5.09
CA GLY B 307 35.18 -0.05 -6.49
C GLY B 307 34.64 1.05 -7.39
N VAL B 308 33.37 1.42 -7.18
CA VAL B 308 32.76 2.46 -8.01
C VAL B 308 33.55 3.76 -7.89
N LEU B 309 33.82 4.19 -6.65
CA LEU B 309 34.54 5.45 -6.45
C LEU B 309 35.95 5.38 -7.02
N LEU B 310 36.73 4.37 -6.61
CA LEU B 310 38.12 4.29 -7.03
C LEU B 310 38.23 4.12 -8.55
N SER B 311 37.25 3.44 -9.16
CA SER B 311 37.31 3.24 -10.60
C SER B 311 37.31 4.56 -11.36
N GLY B 312 36.55 5.54 -10.87
CA GLY B 312 36.52 6.84 -11.49
C GLY B 312 37.75 7.66 -11.16
N TRP B 313 38.23 7.53 -9.91
CA TRP B 313 39.44 8.24 -9.51
C TRP B 313 40.64 7.81 -10.35
N VAL B 314 40.86 6.48 -10.44
CA VAL B 314 41.97 5.97 -11.24
C VAL B 314 41.86 6.45 -12.68
N ALA B 315 40.65 6.41 -13.23
CA ALA B 315 40.44 6.90 -14.59
C ALA B 315 40.82 8.37 -14.69
N ASP B 316 40.22 9.21 -13.84
CA ASP B 316 40.55 10.64 -13.82
C ASP B 316 42.06 10.83 -13.71
N LEU B 317 42.71 10.11 -12.80
CA LEU B 317 44.16 10.19 -12.67
C LEU B 317 44.85 9.89 -13.99
N LEU B 318 44.57 8.71 -14.56
CA LEU B 318 45.24 8.32 -15.79
C LEU B 318 45.05 9.35 -16.90
N VAL B 319 43.90 10.02 -16.94
CA VAL B 319 43.71 11.07 -17.94
C VAL B 319 44.64 12.25 -17.65
N ARG B 320 44.75 12.64 -16.37
CA ARG B 320 45.64 13.73 -16.02
C ARG B 320 47.10 13.37 -16.29
N LYS B 321 47.46 12.10 -16.06
CA LYS B 321 48.83 11.66 -16.33
C LYS B 321 49.13 11.53 -17.81
N GLY B 322 48.17 11.85 -18.69
CA GLY B 322 48.39 11.88 -20.12
C GLY B 322 47.82 10.72 -20.89
N PHE B 323 47.54 9.60 -20.22
CA PHE B 323 47.05 8.41 -20.91
C PHE B 323 45.78 8.74 -21.71
N SER B 324 45.55 7.93 -22.74
CA SER B 324 44.35 8.08 -23.55
C SER B 324 43.11 7.89 -22.70
N LEU B 325 41.99 8.46 -23.16
CA LEU B 325 40.74 8.35 -22.42
C LEU B 325 40.26 6.90 -22.39
N GLY B 326 40.43 6.18 -23.50
CA GLY B 326 40.07 4.76 -23.51
C GLY B 326 40.90 3.96 -22.53
N PHE B 327 42.22 4.18 -22.52
CA PHE B 327 43.09 3.45 -21.62
C PHE B 327 42.76 3.74 -20.17
N ALA B 328 42.28 4.94 -19.86
CA ALA B 328 41.90 5.26 -18.50
C ALA B 328 40.57 4.61 -18.12
N ARG B 329 39.65 4.52 -19.07
CA ARG B 329 38.35 3.89 -18.81
C ARG B 329 38.45 2.37 -18.85
N LYS B 330 39.30 1.83 -19.72
CA LYS B 330 39.36 0.39 -19.95
C LYS B 330 40.27 -0.33 -18.95
N THR B 331 41.17 0.38 -18.28
CA THR B 331 42.09 -0.30 -17.36
C THR B 331 41.36 -0.70 -16.08
N PRO B 332 40.64 0.21 -15.42
CA PRO B 332 39.90 -0.21 -14.21
C PRO B 332 38.93 -1.35 -14.48
N ILE B 333 38.32 -1.40 -15.66
CA ILE B 333 37.40 -2.49 -15.98
C ILE B 333 38.15 -3.82 -16.05
N ILE B 334 39.21 -3.87 -16.86
CA ILE B 334 39.98 -5.10 -16.99
C ILE B 334 40.43 -5.60 -15.63
N CYS B 335 41.10 -4.74 -14.86
CA CYS B 335 41.56 -5.14 -13.54
C CYS B 335 40.39 -5.56 -12.65
N GLY B 336 39.34 -4.75 -12.61
CA GLY B 336 38.20 -5.07 -11.75
C GLY B 336 37.60 -6.43 -12.07
N LEU B 337 37.57 -6.80 -13.34
CA LEU B 337 37.02 -8.10 -13.72
C LEU B 337 37.98 -9.23 -13.35
N LEU B 338 39.29 -8.98 -13.49
CA LEU B 338 40.27 -9.97 -13.07
C LEU B 338 40.25 -10.15 -11.55
N ILE B 339 40.26 -9.04 -10.80
CA ILE B 339 40.19 -9.12 -9.35
C ILE B 339 38.97 -9.94 -8.93
N SER B 340 37.82 -9.69 -9.56
CA SER B 340 36.60 -10.38 -9.20
C SER B 340 36.67 -11.89 -9.40
N THR B 341 37.70 -12.38 -10.10
CA THR B 341 37.85 -13.82 -10.28
C THR B 341 38.17 -14.54 -8.98
N CYS B 342 38.49 -13.82 -7.91
CA CYS B 342 38.87 -14.42 -6.64
C CYS B 342 37.66 -14.83 -5.80
N ILE B 343 36.45 -14.81 -6.36
CA ILE B 343 35.27 -15.17 -5.57
C ILE B 343 35.29 -16.66 -5.23
N MET B 344 35.84 -17.49 -6.11
CA MET B 344 35.89 -18.93 -5.84
C MET B 344 36.83 -19.27 -4.69
N GLY B 345 37.70 -18.35 -4.27
CA GLY B 345 38.54 -18.60 -3.12
C GLY B 345 37.78 -18.95 -1.86
N ALA B 346 36.47 -18.70 -1.83
CA ALA B 346 35.68 -19.00 -0.65
C ALA B 346 35.45 -20.50 -0.50
N ASN B 347 35.36 -21.24 -1.61
CA ASN B 347 35.11 -22.68 -1.51
C ASN B 347 36.36 -23.47 -1.11
N TYR B 348 37.52 -22.81 -1.02
CA TYR B 348 38.73 -23.44 -0.50
C TYR B 348 39.01 -23.04 0.95
N THR B 349 38.09 -22.35 1.60
CA THR B 349 38.24 -21.97 2.99
C THR B 349 36.90 -22.06 3.70
N ASN B 350 36.95 -22.02 5.03
CA ASN B 350 35.76 -22.01 5.86
C ASN B 350 35.81 -20.99 6.98
N ASP B 351 36.97 -20.39 7.24
CA ASP B 351 37.07 -19.35 8.26
C ASP B 351 36.16 -18.20 7.89
N PRO B 352 35.38 -17.64 8.84
CA PRO B 352 34.37 -16.65 8.47
C PRO B 352 34.96 -15.38 7.86
N MET B 353 35.67 -14.59 8.67
CA MET B 353 36.22 -13.33 8.17
C MET B 353 37.10 -13.56 6.94
N MET B 354 37.67 -14.76 6.81
CA MET B 354 38.38 -15.10 5.59
C MET B 354 37.43 -15.11 4.39
N ILE B 355 36.32 -15.83 4.51
CA ILE B 355 35.34 -15.89 3.43
C ILE B 355 34.85 -14.49 3.08
N MET B 356 34.60 -13.66 4.09
CA MET B 356 34.07 -12.33 3.84
C MET B 356 34.98 -11.53 2.91
N CYS B 357 36.28 -11.56 3.18
CA CYS B 357 37.21 -10.74 2.39
C CYS B 357 37.25 -11.17 0.93
N LEU B 358 37.24 -12.49 0.68
CA LEU B 358 37.18 -12.97 -0.70
C LEU B 358 35.92 -12.45 -1.39
N MET B 359 34.77 -12.58 -0.72
CA MET B 359 33.54 -12.05 -1.27
C MET B 359 33.56 -10.52 -1.31
N ALA B 360 34.26 -9.89 -0.37
CA ALA B 360 34.37 -8.44 -0.38
C ALA B 360 35.34 -7.96 -1.44
N LEU B 361 36.46 -8.66 -1.61
CA LEU B 361 37.41 -8.29 -2.65
C LEU B 361 36.83 -8.52 -4.02
N ALA B 362 36.11 -9.63 -4.22
CA ALA B 362 35.50 -9.90 -5.51
C ALA B 362 34.42 -8.88 -5.82
N PHE B 363 33.63 -8.50 -4.82
CA PHE B 363 32.63 -7.45 -5.03
C PHE B 363 33.31 -6.12 -5.32
N PHE B 364 34.40 -5.82 -4.60
CA PHE B 364 35.20 -4.64 -4.91
C PHE B 364 35.66 -4.66 -6.36
N GLY B 365 36.13 -5.81 -6.84
CA GLY B 365 36.55 -5.91 -8.23
C GLY B 365 35.42 -5.67 -9.20
N ASN B 366 34.20 -6.09 -8.84
CA ASN B 366 33.05 -5.88 -9.72
C ASN B 366 32.70 -4.41 -9.83
N GLY B 367 32.46 -3.76 -8.67
CA GLY B 367 32.19 -2.33 -8.69
C GLY B 367 33.30 -1.53 -9.37
N PHE B 368 34.54 -2.00 -9.25
CA PHE B 368 35.67 -1.34 -9.91
C PHE B 368 35.54 -1.39 -11.42
N ALA B 369 34.73 -2.29 -11.97
CA ALA B 369 34.51 -2.41 -13.40
C ALA B 369 33.09 -2.04 -13.80
N SER B 370 32.38 -1.28 -12.96
CA SER B 370 31.02 -0.85 -13.25
C SER B 370 30.96 0.44 -14.05
N ILE B 371 32.10 0.95 -14.52
CA ILE B 371 32.15 2.18 -15.29
C ILE B 371 32.13 1.86 -16.77
N THR B 372 31.22 0.98 -17.17
CA THR B 372 31.20 0.47 -18.55
C THR B 372 30.53 1.44 -19.51
N TRP B 373 29.46 2.11 -19.08
CA TRP B 373 28.68 2.91 -20.02
C TRP B 373 29.53 3.99 -20.68
N SER B 374 30.37 4.68 -19.90
CA SER B 374 31.16 5.76 -20.46
C SER B 374 31.99 5.29 -21.65
N LEU B 375 32.45 4.05 -21.62
CA LEU B 375 33.28 3.53 -22.70
C LEU B 375 32.45 3.30 -23.96
N VAL B 376 31.29 2.66 -23.82
CA VAL B 376 30.45 2.37 -24.98
C VAL B 376 29.91 3.65 -25.60
N SER B 377 29.78 4.71 -24.81
CA SER B 377 29.34 5.99 -25.37
C SER B 377 30.31 6.50 -26.42
N SER B 378 31.61 6.44 -26.11
CA SER B 378 32.65 6.89 -27.02
C SER B 378 33.16 5.77 -27.91
N LEU B 379 32.50 4.61 -27.93
CA LEU B 379 32.90 3.48 -28.75
C LEU B 379 31.91 3.16 -29.86
N ALA B 380 30.75 3.82 -29.88
CA ALA B 380 29.72 3.53 -30.88
C ALA B 380 29.51 4.74 -31.78
N PRO B 381 28.83 4.58 -32.91
CA PRO B 381 28.56 5.74 -33.77
C PRO B 381 27.70 6.77 -33.05
N MET B 382 27.97 8.04 -33.32
CA MET B 382 27.25 9.12 -32.66
C MET B 382 25.74 8.97 -32.85
N ARG B 383 25.30 8.36 -33.94
CA ARG B 383 23.89 8.23 -34.26
C ARG B 383 23.24 7.02 -33.59
N LEU B 384 24.00 5.95 -33.35
CA LEU B 384 23.45 4.70 -32.86
C LEU B 384 23.72 4.46 -31.37
N ILE B 385 24.11 5.51 -30.63
CA ILE B 385 24.35 5.34 -29.19
C ILE B 385 23.07 4.92 -28.49
N GLY B 386 21.92 5.42 -28.95
CA GLY B 386 20.67 5.06 -28.32
C GLY B 386 20.35 3.59 -28.47
N LEU B 387 20.51 3.05 -29.68
CA LEU B 387 20.25 1.63 -29.91
C LEU B 387 21.27 0.77 -29.18
N THR B 388 22.55 1.14 -29.27
CA THR B 388 23.59 0.41 -28.54
C THR B 388 23.24 0.31 -27.06
N GLY B 389 22.58 1.33 -26.50
CA GLY B 389 22.11 1.23 -25.13
C GLY B 389 21.18 0.05 -24.93
N GLY B 390 20.15 -0.06 -25.77
CA GLY B 390 19.26 -1.21 -25.69
C GLY B 390 20.01 -2.52 -25.81
N VAL B 391 20.94 -2.61 -26.76
CA VAL B 391 21.79 -3.79 -26.87
C VAL B 391 22.73 -3.87 -25.68
N PHE B 392 23.14 -2.71 -25.14
CA PHE B 392 24.01 -2.70 -23.97
C PHE B 392 23.26 -3.14 -22.72
N ASN B 393 22.01 -2.72 -22.57
CA ASN B 393 21.19 -3.13 -21.43
C ASN B 393 20.67 -4.55 -21.60
N PHE B 394 20.35 -4.94 -22.84
CA PHE B 394 19.86 -6.30 -23.07
C PHE B 394 20.97 -7.32 -22.94
N ALA B 395 22.19 -6.96 -23.35
CA ALA B 395 23.32 -7.86 -23.21
C ALA B 395 23.66 -8.10 -21.75
N GLY B 396 24.05 -7.04 -21.04
CA GLY B 396 24.28 -7.16 -19.61
C GLY B 396 23.04 -7.57 -18.83
N GLY B 397 21.86 -7.40 -19.42
CA GLY B 397 20.64 -7.76 -18.74
C GLY B 397 20.47 -9.26 -18.59
N LEU B 398 20.90 -10.02 -19.60
CA LEU B 398 20.84 -11.47 -19.50
C LEU B 398 21.64 -11.97 -18.31
N GLY B 399 22.68 -11.23 -17.91
CA GLY B 399 23.46 -11.62 -16.74
C GLY B 399 22.59 -11.82 -15.51
N GLY B 400 21.59 -10.96 -15.33
CA GLY B 400 20.67 -11.12 -14.22
C GLY B 400 19.67 -12.25 -14.40
N ILE B 401 19.46 -12.69 -15.64
CA ILE B 401 18.54 -13.79 -15.90
C ILE B 401 19.24 -15.14 -15.76
N THR B 402 20.52 -15.23 -16.12
CA THR B 402 21.19 -16.52 -16.22
C THR B 402 21.92 -16.92 -14.94
N VAL B 403 22.57 -15.97 -14.26
CA VAL B 403 23.32 -16.33 -13.05
C VAL B 403 22.43 -16.93 -11.98
N PRO B 404 21.21 -16.41 -11.71
CA PRO B 404 20.45 -17.00 -10.60
C PRO B 404 20.04 -18.44 -10.86
N LEU B 405 19.85 -18.81 -12.13
CA LEU B 405 19.55 -20.19 -12.47
C LEU B 405 20.79 -21.07 -12.32
N VAL B 406 21.87 -20.71 -13.00
CA VAL B 406 23.09 -21.52 -12.99
C VAL B 406 23.54 -21.80 -11.57
N VAL B 407 23.57 -20.77 -10.73
CA VAL B 407 24.00 -20.95 -9.34
C VAL B 407 23.09 -21.95 -8.64
N GLY B 408 21.82 -22.05 -9.05
CA GLY B 408 20.90 -22.94 -8.37
C GLY B 408 21.19 -24.40 -8.65
N TYR B 409 21.38 -24.75 -9.92
CA TYR B 409 21.65 -26.13 -10.29
C TYR B 409 22.90 -26.65 -9.59
N LEU B 410 24.01 -25.93 -9.73
CA LEU B 410 25.24 -26.34 -9.08
C LEU B 410 25.09 -26.31 -7.56
N ALA B 411 24.30 -25.37 -7.04
CA ALA B 411 24.05 -25.32 -5.60
C ALA B 411 23.24 -26.53 -5.15
N GLN B 412 22.24 -26.93 -5.93
CA GLN B 412 21.42 -28.07 -5.57
C GLN B 412 22.23 -29.36 -5.60
N GLY B 413 22.94 -29.61 -6.70
CA GLY B 413 23.61 -30.87 -6.89
C GLY B 413 24.93 -31.02 -6.15
N TYR B 414 25.72 -29.94 -6.07
CA TYR B 414 27.08 -30.03 -5.54
C TYR B 414 27.40 -28.91 -4.56
N GLY B 415 26.40 -28.33 -3.92
CA GLY B 415 26.63 -27.18 -3.06
C GLY B 415 27.04 -25.97 -3.87
N PHE B 416 27.24 -24.85 -3.16
CA PHE B 416 27.57 -23.60 -3.82
C PHE B 416 29.03 -23.51 -4.27
N ALA B 417 29.89 -24.41 -3.79
CA ALA B 417 31.31 -24.33 -4.13
C ALA B 417 31.58 -24.21 -5.62
N PRO B 418 30.98 -25.02 -6.50
CA PRO B 418 31.28 -24.86 -7.94
C PRO B 418 30.81 -23.53 -8.50
N ALA B 419 29.53 -23.17 -8.29
CA ALA B 419 29.00 -21.95 -8.88
C ALA B 419 29.93 -20.76 -8.70
N LEU B 420 30.77 -20.77 -7.65
CA LEU B 420 31.72 -19.69 -7.46
C LEU B 420 32.79 -19.71 -8.55
N VAL B 421 33.20 -20.88 -9.00
CA VAL B 421 34.16 -20.93 -10.10
C VAL B 421 33.49 -20.49 -11.39
N TYR B 422 32.21 -20.78 -11.54
CA TYR B 422 31.46 -20.27 -12.69
C TYR B 422 31.48 -18.75 -12.69
N ILE B 423 31.12 -18.13 -11.55
CA ILE B 423 31.17 -16.68 -11.45
C ILE B 423 32.57 -16.17 -11.75
N SER B 424 33.58 -16.75 -11.09
CA SER B 424 34.96 -16.38 -11.38
C SER B 424 35.28 -16.60 -12.86
N ALA B 425 34.91 -17.77 -13.38
CA ALA B 425 35.18 -18.09 -14.78
C ALA B 425 34.64 -17.00 -15.71
N VAL B 426 33.38 -16.63 -15.53
CA VAL B 426 32.80 -15.56 -16.34
C VAL B 426 33.61 -14.28 -16.18
N ALA B 427 34.02 -13.96 -14.95
CA ALA B 427 34.80 -12.75 -14.71
C ALA B 427 36.07 -12.74 -15.54
N LEU B 428 36.72 -13.91 -15.67
CA LEU B 428 37.94 -13.99 -16.47
C LEU B 428 37.66 -13.68 -17.93
N ILE B 429 36.50 -14.08 -18.44
CA ILE B 429 36.19 -13.90 -19.85
C ILE B 429 36.06 -12.41 -20.17
N GLY B 430 35.37 -11.66 -19.31
CA GLY B 430 35.26 -10.23 -19.52
C GLY B 430 36.60 -9.55 -19.63
N ALA B 431 37.56 -9.96 -18.79
CA ALA B 431 38.92 -9.44 -18.89
C ALA B 431 39.50 -9.70 -20.28
N LEU B 432 39.58 -10.98 -20.66
CA LEU B 432 40.05 -11.33 -22.00
C LEU B 432 39.29 -10.54 -23.06
N SER B 433 37.97 -10.42 -22.90
CA SER B 433 37.17 -9.67 -23.85
C SER B 433 37.74 -8.28 -24.10
N TYR B 434 37.95 -7.53 -23.01
CA TYR B 434 38.50 -6.18 -23.14
C TYR B 434 39.94 -6.20 -23.65
N ILE B 435 40.69 -7.26 -23.35
CA ILE B 435 42.08 -7.31 -23.76
C ILE B 435 42.21 -7.60 -25.26
N LEU B 436 41.50 -8.62 -25.73
CA LEU B 436 41.59 -9.04 -27.12
C LEU B 436 40.60 -8.30 -28.01
N LEU B 437 39.30 -8.43 -27.71
CA LEU B 437 38.28 -7.94 -28.63
C LEU B 437 38.30 -6.41 -28.70
N VAL B 438 38.35 -5.74 -27.56
CA VAL B 438 38.29 -4.28 -27.49
C VAL B 438 39.71 -3.75 -27.41
N GLY B 439 40.06 -2.85 -28.32
CA GLY B 439 41.41 -2.32 -28.37
C GLY B 439 41.51 -0.87 -28.77
N ASP B 440 41.65 0.01 -27.78
CA ASP B 440 41.93 1.43 -27.98
C ASP B 440 40.76 2.18 -28.61
N VAL B 441 39.55 1.63 -28.52
CA VAL B 441 38.31 2.39 -28.74
C VAL B 441 38.18 2.86 -30.18
N LYS B 442 36.95 3.22 -30.57
CA LYS B 442 36.63 3.73 -31.90
C LYS B 442 35.57 4.82 -31.76
N ARG B 443 35.66 5.83 -32.63
CA ARG B 443 34.71 6.94 -32.64
C ARG B 443 34.33 7.41 -31.24
#